data_3HIU
#
_entry.id   3HIU
#
_cell.length_a   102.592
_cell.length_b   56.843
_cell.length_c   53.990
_cell.angle_alpha   90.00
_cell.angle_beta   90.01
_cell.angle_gamma   90.00
#
_symmetry.space_group_name_H-M   'P 1 21 1'
#
loop_
_entity.id
_entity.type
_entity.pdbx_description
1 polymer 'Uncharacterized protein'
2 non-polymer 'SODIUM ION'
3 non-polymer 1,2-ETHANEDIOL
4 water water
#
_entity_poly.entity_id   1
_entity_poly.type   'polypeptide(L)'
_entity_poly.pdbx_seq_one_letter_code
;GQSRERLVKWLQDAYA(MSE)EKEAET(MSE)(MSE)AA(MSE)ASRIEHYPELKRRIEQHVEETQQQSAGVQRCLELLN
GSIPTAKG(MSE)LSSVLAS(MSE)HAAGNS(MSE)(MSE)TDEVTKGVGISYAFEHLEIASYRALVVAARSAGEQEVAQ
ICEDILQQEIE(MSE)AEWLIEHQEAIVVAFLEREQLEGVGS
;
_entity_poly.pdbx_strand_id   A,B,C,D
#
loop_
_chem_comp.id
_chem_comp.type
_chem_comp.name
_chem_comp.formula
EDO non-polymer 1,2-ETHANEDIOL 'C2 H6 O2'
NA non-polymer 'SODIUM ION' 'Na 1'
#
# COMPACT_ATOMS: atom_id res chain seq x y z
N GLN A 2 -26.40 51.49 8.73
CA GLN A 2 -26.31 50.10 8.27
C GLN A 2 -24.88 49.58 8.39
N SER A 3 -23.92 50.48 8.20
CA SER A 3 -22.54 50.18 8.48
C SER A 3 -22.46 49.67 9.91
N ARG A 4 -23.09 50.40 10.84
CA ARG A 4 -23.07 50.01 12.25
C ARG A 4 -23.74 48.68 12.51
N GLU A 5 -24.85 48.42 11.80
CA GLU A 5 -25.65 47.24 12.07
C GLU A 5 -25.14 45.96 11.41
N ARG A 6 -24.24 46.08 10.43
CA ARG A 6 -23.52 44.92 9.93
C ARG A 6 -22.37 44.64 10.88
N LEU A 7 -21.69 45.70 11.32
CA LEU A 7 -20.61 45.57 12.29
C LEU A 7 -21.14 44.90 13.55
N VAL A 8 -22.29 45.38 14.04
CA VAL A 8 -22.93 44.77 15.20
C VAL A 8 -23.32 43.32 14.92
N LYS A 9 -23.83 43.06 13.72
CA LYS A 9 -24.23 41.71 13.36
C LYS A 9 -23.08 40.69 13.39
N TRP A 10 -21.94 41.04 12.79
CA TRP A 10 -20.76 40.17 12.79
C TRP A 10 -20.07 40.15 14.15
N LEU A 11 -20.21 41.23 14.91
CA LEU A 11 -19.77 41.24 16.30
C LEU A 11 -20.57 40.24 17.14
N GLN A 12 -21.89 40.18 16.89
CA GLN A 12 -22.77 39.22 17.57
C GLN A 12 -22.38 37.77 17.28
N ASP A 13 -22.18 37.44 16.00
CA ASP A 13 -21.76 36.10 15.60
C ASP A 13 -20.53 35.68 16.39
N ALA A 14 -19.51 36.54 16.35
CA ALA A 14 -18.20 36.25 16.95
C ALA A 14 -18.25 36.07 18.46
N TYR A 15 -19.14 36.79 19.12
CA TYR A 15 -19.30 36.67 20.56
C TYR A 15 -19.82 35.28 20.90
N ALA A 16 -20.79 34.83 20.13
CA ALA A 16 -21.33 33.48 20.27
C ALA A 16 -20.25 32.47 19.87
N MSE A 17 -19.46 32.83 18.87
CA MSE A 17 -18.33 32.00 18.46
C MSE A 17 -17.33 31.84 19.60
O MSE A 17 -16.91 30.73 19.93
CB MSE A 17 -17.64 32.63 17.24
CG MSE A 17 -16.55 31.77 16.60
SE MSE A 17 -15.74 32.67 15.05
CE MSE A 17 -14.71 34.03 15.98
N GLU A 18 -16.93 32.95 20.19
CA GLU A 18 -15.96 32.92 21.27
C GLU A 18 -16.46 32.09 22.41
N LYS A 19 -17.77 32.15 22.64
CA LYS A 19 -18.36 31.45 23.79
C LYS A 19 -18.43 29.96 23.52
N GLU A 20 -18.58 29.60 22.25
CA GLU A 20 -18.48 28.20 21.85
C GLU A 20 -17.02 27.75 21.95
N ALA A 21 -16.11 28.59 21.48
CA ALA A 21 -14.70 28.29 21.53
C ALA A 21 -14.29 27.98 22.97
N GLU A 22 -14.66 28.88 23.88
CA GLU A 22 -14.32 28.74 25.30
C GLU A 22 -14.78 27.42 25.90
N THR A 23 -15.98 27.00 25.51
CA THR A 23 -16.57 25.80 26.07
C THR A 23 -16.01 24.54 25.40
N MSE A 24 -15.57 24.69 24.17
CA MSE A 24 -14.97 23.59 23.42
C MSE A 24 -13.53 23.33 23.87
O MSE A 24 -13.07 22.17 23.87
CB MSE A 24 -15.01 23.90 21.93
CG MSE A 24 -14.55 22.75 21.06
SE MSE A 24 -14.00 23.37 19.30
CE MSE A 24 -15.38 24.71 19.05
N MSE A 25 -12.80 24.37 24.22
CA MSE A 25 -11.44 24.22 24.71
CA MSE A 25 -11.44 24.22 24.71
C MSE A 25 -11.44 23.84 26.19
O MSE A 25 -10.64 23.01 26.62
CB MSE A 25 -10.65 25.51 24.50
CB MSE A 25 -10.64 25.50 24.50
CG MSE A 25 -10.47 25.89 23.04
CG MSE A 25 -10.92 26.19 23.18
SE MSE A 25 -9.53 27.58 22.84
SE MSE A 25 -9.31 26.80 22.29
CE MSE A 25 -10.71 28.71 23.91
CE MSE A 25 -8.80 25.14 21.42
N ALA A 26 -12.34 24.45 26.95
CA ALA A 26 -12.46 24.14 28.37
C ALA A 26 -12.90 22.69 28.55
N ALA A 27 -13.16 22.02 27.44
CA ALA A 27 -13.46 20.60 27.44
C ALA A 27 -12.26 19.80 26.91
N MSE A 28 -11.69 20.27 25.80
CA MSE A 28 -10.58 19.59 25.15
C MSE A 28 -9.39 19.44 26.09
O MSE A 28 -8.70 18.42 26.07
CB MSE A 28 -10.12 20.35 23.91
CG MSE A 28 -9.70 19.47 22.75
SE MSE A 28 -11.24 19.17 21.57
CE MSE A 28 -11.59 21.03 21.08
N ALA A 29 -9.18 20.45 26.92
CA ALA A 29 -8.03 20.48 27.82
C ALA A 29 -8.15 19.45 28.94
N SER A 30 -9.33 18.88 29.13
CA SER A 30 -9.53 17.90 30.18
C SER A 30 -9.39 16.45 29.70
N ARG A 31 -9.38 16.25 28.39
CA ARG A 31 -9.25 14.93 27.80
C ARG A 31 -7.78 14.53 27.68
N ILE A 32 -6.91 15.53 27.78
CA ILE A 32 -5.47 15.32 27.59
C ILE A 32 -4.83 14.61 28.78
N GLU A 33 -4.06 13.56 28.48
CA GLU A 33 -3.33 12.84 29.51
C GLU A 33 -1.84 12.74 29.20
N HIS A 34 -1.47 13.02 27.95
CA HIS A 34 -0.10 12.74 27.51
C HIS A 34 0.64 13.88 26.79
N TYR A 35 0.09 15.08 26.82
CA TYR A 35 0.67 16.18 26.06
C TYR A 35 0.74 17.46 26.90
N PRO A 36 1.71 17.50 27.83
CA PRO A 36 1.76 18.55 28.85
C PRO A 36 1.75 19.95 28.25
N GLU A 37 2.49 20.16 27.18
CA GLU A 37 2.59 21.48 26.61
C GLU A 37 1.23 21.86 26.05
N LEU A 38 0.62 20.91 25.35
CA LEU A 38 -0.67 21.11 24.68
C LEU A 38 -1.75 21.53 25.66
N LYS A 39 -1.96 20.70 26.69
CA LYS A 39 -2.98 20.98 27.69
C LYS A 39 -2.75 22.37 28.26
N ARG A 40 -1.48 22.66 28.52
CA ARG A 40 -1.05 23.89 29.18
C ARG A 40 -1.21 25.10 28.24
N ARG A 41 -1.18 24.83 26.93
CA ARG A 41 -1.36 25.89 25.96
C ARG A 41 -2.85 26.18 25.79
N ILE A 42 -3.65 25.13 25.68
CA ILE A 42 -5.08 25.28 25.50
C ILE A 42 -5.69 26.03 26.68
N GLU A 43 -5.36 25.59 27.89
CA GLU A 43 -5.80 26.29 29.10
C GLU A 43 -5.62 27.80 28.95
N GLN A 44 -4.39 28.22 28.69
CA GLN A 44 -4.03 29.64 28.51
C GLN A 44 -4.94 30.39 27.52
N HIS A 45 -5.42 29.67 26.51
CA HIS A 45 -6.26 30.30 25.50
C HIS A 45 -7.74 30.23 25.90
N VAL A 46 -8.09 29.25 26.74
CA VAL A 46 -9.43 29.20 27.31
C VAL A 46 -9.73 30.51 28.03
N GLU A 47 -8.67 31.17 28.49
CA GLU A 47 -8.82 32.45 29.16
C GLU A 47 -8.50 33.65 28.25
N GLU A 48 -7.51 33.53 27.37
CA GLU A 48 -7.33 34.57 26.38
C GLU A 48 -8.70 34.78 25.76
N THR A 49 -9.43 33.68 25.57
CA THR A 49 -10.75 33.67 24.95
C THR A 49 -11.79 34.41 25.79
N GLN A 50 -11.80 34.11 27.08
CA GLN A 50 -12.74 34.80 27.96
C GLN A 50 -12.50 36.32 27.90
N GLN A 51 -11.24 36.72 27.68
CA GLN A 51 -10.87 38.13 27.52
C GLN A 51 -11.19 38.67 26.12
N GLN A 52 -11.38 37.78 25.16
CA GLN A 52 -11.77 38.19 23.81
C GLN A 52 -13.23 38.62 23.76
N SER A 53 -14.14 37.70 24.08
CA SER A 53 -15.57 37.97 23.97
C SER A 53 -16.02 39.15 24.84
N ALA A 54 -15.44 39.27 26.03
CA ALA A 54 -15.76 40.39 26.91
C ALA A 54 -15.37 41.67 26.21
N GLY A 55 -14.32 41.57 25.40
CA GLY A 55 -13.87 42.70 24.59
C GLY A 55 -14.86 42.95 23.46
N VAL A 56 -15.30 41.86 22.84
CA VAL A 56 -16.33 41.93 21.82
C VAL A 56 -17.59 42.58 22.39
N GLN A 57 -17.93 42.19 23.63
CA GLN A 57 -19.12 42.70 24.29
C GLN A 57 -19.05 44.20 24.54
N ARG A 58 -17.89 44.66 24.99
CA ARG A 58 -17.71 46.09 25.18
C ARG A 58 -17.97 46.81 23.86
N CYS A 59 -17.71 46.11 22.76
CA CYS A 59 -18.01 46.62 21.42
C CYS A 59 -19.51 46.58 21.10
N LEU A 60 -20.19 45.51 21.56
CA LEU A 60 -21.62 45.37 21.35
C LEU A 60 -22.41 46.38 22.19
N GLU A 61 -21.91 46.66 23.39
CA GLU A 61 -22.52 47.65 24.25
C GLU A 61 -22.26 49.07 23.75
N LEU A 62 -21.10 49.30 23.14
CA LEU A 62 -20.78 50.61 22.60
C LEU A 62 -21.69 51.02 21.44
N LEU A 63 -21.93 50.08 20.53
CA LEU A 63 -22.67 50.37 19.31
C LEU A 63 -24.16 50.06 19.49
N ASN A 64 -24.58 49.93 20.74
CA ASN A 64 -25.99 49.67 21.08
C ASN A 64 -26.56 48.41 20.43
N GLY A 65 -25.71 47.40 20.23
CA GLY A 65 -26.15 46.14 19.70
C GLY A 65 -26.26 45.11 20.82
N SER A 66 -27.18 44.16 20.67
CA SER A 66 -27.44 43.18 21.73
C SER A 66 -26.30 42.18 21.87
N ILE A 67 -26.23 41.53 23.02
CA ILE A 67 -25.25 40.48 23.25
C ILE A 67 -25.93 39.11 23.15
N PRO A 68 -25.59 38.35 22.09
CA PRO A 68 -26.17 37.07 21.70
C PRO A 68 -26.60 36.13 22.86
N THR A 69 -27.51 35.20 22.55
CA THR A 69 -28.20 34.40 23.56
C THR A 69 -28.13 32.89 23.32
N ALA A 70 -28.51 32.11 24.33
CA ALA A 70 -28.59 30.65 24.24
C ALA A 70 -27.22 29.98 24.16
N MSE A 89 -7.00 1.73 21.05
CA MSE A 89 -6.98 3.15 21.40
C MSE A 89 -7.86 3.93 20.44
O MSE A 89 -8.15 3.47 19.33
CB MSE A 89 -5.53 3.67 21.37
CG MSE A 89 -5.31 4.95 22.18
SE MSE A 89 -3.43 5.50 22.20
CE MSE A 89 -3.60 7.12 23.28
N THR A 90 -8.29 5.12 20.85
CA THR A 90 -9.18 5.94 20.03
C THR A 90 -8.76 7.42 19.93
N ASP A 91 -9.33 8.09 18.94
CA ASP A 91 -8.75 9.27 18.30
C ASP A 91 -8.78 10.63 18.98
N GLU A 92 -9.66 10.82 19.97
CA GLU A 92 -9.86 12.15 20.57
C GLU A 92 -8.75 13.18 20.30
N VAL A 93 -7.52 12.86 20.74
CA VAL A 93 -6.45 13.87 20.84
C VAL A 93 -5.95 14.50 19.53
N THR A 94 -5.52 13.69 18.57
CA THR A 94 -5.03 14.22 17.29
C THR A 94 -6.15 14.88 16.52
N LYS A 95 -7.31 14.23 16.52
CA LYS A 95 -8.49 14.73 15.83
C LYS A 95 -8.96 16.05 16.42
N GLY A 96 -8.89 16.17 17.74
CA GLY A 96 -9.28 17.40 18.43
C GLY A 96 -8.27 18.48 18.14
N VAL A 97 -7.00 18.08 17.98
CA VAL A 97 -5.98 19.03 17.56
C VAL A 97 -6.31 19.58 16.17
N GLY A 98 -6.87 18.72 15.31
CA GLY A 98 -7.24 19.12 13.97
C GLY A 98 -8.45 20.03 13.92
N ILE A 99 -9.42 19.77 14.77
CA ILE A 99 -10.59 20.63 14.87
C ILE A 99 -10.24 21.96 15.54
N SER A 100 -9.27 21.93 16.43
CA SER A 100 -8.81 23.14 17.11
C SER A 100 -8.24 24.08 16.07
N TYR A 101 -7.42 23.51 15.20
CA TYR A 101 -6.74 24.26 14.16
C TYR A 101 -7.74 24.81 13.11
N ALA A 102 -8.77 24.02 12.80
CA ALA A 102 -9.81 24.44 11.87
C ALA A 102 -10.68 25.58 12.43
N PHE A 103 -10.97 25.51 13.72
CA PHE A 103 -11.80 26.53 14.34
C PHE A 103 -11.04 27.84 14.46
N GLU A 104 -9.83 27.77 14.99
CA GLU A 104 -8.97 28.94 15.07
C GLU A 104 -8.86 29.60 13.70
N HIS A 105 -8.97 28.80 12.65
CA HIS A 105 -8.95 29.36 11.29
C HIS A 105 -10.30 29.94 10.85
N LEU A 106 -11.38 29.37 11.36
CA LEU A 106 -12.70 29.97 11.25
C LEU A 106 -12.66 31.33 11.93
N GLU A 107 -12.09 31.37 13.11
CA GLU A 107 -11.99 32.62 13.87
C GLU A 107 -11.22 33.69 13.09
N ILE A 108 -10.01 33.35 12.68
CA ILE A 108 -9.21 34.25 11.85
C ILE A 108 -10.12 34.91 10.82
N ALA A 109 -10.54 34.16 9.82
CA ALA A 109 -11.39 34.68 8.76
C ALA A 109 -12.44 35.66 9.29
N SER A 110 -13.10 35.29 10.39
CA SER A 110 -14.19 36.11 10.92
C SER A 110 -13.73 37.44 11.52
N TYR A 111 -12.56 37.44 12.15
CA TYR A 111 -12.01 38.67 12.71
C TYR A 111 -11.40 39.57 11.65
N ARG A 112 -10.82 38.95 10.61
CA ARG A 112 -10.35 39.71 9.45
C ARG A 112 -11.50 40.45 8.81
N ALA A 113 -12.60 39.75 8.58
CA ALA A 113 -13.82 40.35 8.03
C ALA A 113 -14.39 41.43 8.96
N LEU A 114 -14.19 41.28 10.26
CA LEU A 114 -14.60 42.30 11.22
C LEU A 114 -13.75 43.53 11.05
N VAL A 115 -12.45 43.34 10.92
CA VAL A 115 -11.56 44.49 10.75
C VAL A 115 -11.99 45.30 9.53
N VAL A 116 -12.52 44.62 8.51
CA VAL A 116 -13.03 45.31 7.32
C VAL A 116 -14.35 46.07 7.61
N ALA A 117 -15.26 45.43 8.32
CA ALA A 117 -16.55 46.03 8.66
C ALA A 117 -16.41 47.15 9.69
N ALA A 118 -15.50 46.98 10.64
CA ALA A 118 -15.19 48.05 11.56
C ALA A 118 -14.71 49.27 10.75
N ARG A 119 -13.73 49.03 9.89
CA ARG A 119 -13.14 50.12 9.13
C ARG A 119 -14.20 50.80 8.26
N SER A 120 -14.87 50.04 7.41
CA SER A 120 -15.95 50.61 6.61
C SER A 120 -16.86 51.50 7.46
N ALA A 121 -17.19 51.03 8.67
CA ALA A 121 -18.12 51.73 9.56
C ALA A 121 -17.47 52.90 10.30
N GLY A 122 -16.17 53.10 10.08
CA GLY A 122 -15.45 54.16 10.74
C GLY A 122 -15.34 54.00 12.26
N GLU A 123 -15.41 52.76 12.72
CA GLU A 123 -15.12 52.43 14.11
C GLU A 123 -13.68 51.92 14.26
N GLN A 124 -12.74 52.85 14.33
CA GLN A 124 -11.32 52.50 14.31
C GLN A 124 -10.88 51.79 15.57
N GLU A 125 -11.48 52.15 16.69
CA GLU A 125 -11.15 51.53 17.97
C GLU A 125 -11.68 50.09 18.06
N VAL A 126 -12.85 49.84 17.48
CA VAL A 126 -13.39 48.48 17.38
C VAL A 126 -12.47 47.65 16.48
N ALA A 127 -11.95 48.28 15.44
CA ALA A 127 -11.05 47.60 14.50
C ALA A 127 -9.76 47.13 15.18
N GLN A 128 -9.18 47.99 16.02
CA GLN A 128 -7.95 47.64 16.73
C GLN A 128 -8.17 46.42 17.63
N ILE A 129 -9.30 46.40 18.33
CA ILE A 129 -9.68 45.24 19.14
C ILE A 129 -9.71 43.97 18.30
N CYS A 130 -10.39 44.05 17.15
CA CYS A 130 -10.57 42.91 16.25
C CYS A 130 -9.24 42.45 15.65
N GLU A 131 -8.32 43.38 15.45
CA GLU A 131 -6.99 43.08 14.92
C GLU A 131 -6.13 42.41 16.00
N ASP A 132 -6.39 42.74 17.26
CA ASP A 132 -5.63 42.16 18.37
C ASP A 132 -6.10 40.75 18.68
N ILE A 133 -7.41 40.50 18.61
CA ILE A 133 -7.91 39.13 18.72
C ILE A 133 -7.50 38.30 17.50
N LEU A 134 -7.44 38.93 16.33
CA LEU A 134 -6.96 38.22 15.13
C LEU A 134 -5.53 37.69 15.30
N GLN A 135 -4.70 38.44 16.02
CA GLN A 135 -3.31 38.08 16.23
C GLN A 135 -3.17 36.88 17.17
N GLN A 136 -4.09 36.76 18.13
CA GLN A 136 -4.08 35.63 19.06
C GLN A 136 -4.51 34.32 18.40
N GLU A 137 -5.47 34.40 17.48
CA GLU A 137 -5.94 33.22 16.77
C GLU A 137 -4.88 32.73 15.77
N ILE A 138 -4.18 33.66 15.15
CA ILE A 138 -3.05 33.32 14.29
C ILE A 138 -1.91 32.69 15.11
N GLU A 139 -1.62 33.29 16.26
CA GLU A 139 -0.58 32.80 17.14
C GLU A 139 -0.94 31.40 17.68
N MSE A 140 -2.24 31.18 17.92
CA MSE A 140 -2.69 29.92 18.51
C MSE A 140 -2.76 28.79 17.49
O MSE A 140 -2.32 27.68 17.77
CB MSE A 140 -4.06 30.09 19.18
CG MSE A 140 -4.69 28.77 19.66
SE MSE A 140 -3.83 27.96 21.22
CE MSE A 140 -4.93 26.34 21.36
N ALA A 141 -3.31 29.08 16.32
CA ALA A 141 -3.29 28.15 15.19
C ALA A 141 -1.84 27.80 14.80
N GLU A 142 -0.97 28.79 14.94
CA GLU A 142 0.47 28.63 14.73
C GLU A 142 1.08 27.64 15.74
N TRP A 143 0.66 27.76 17.00
CA TRP A 143 1.17 26.84 18.02
C TRP A 143 0.74 25.41 17.72
N LEU A 144 -0.50 25.22 17.33
CA LEU A 144 -1.02 23.88 17.09
C LEU A 144 -0.35 23.17 15.91
N ILE A 145 -0.23 23.84 14.77
CA ILE A 145 0.22 23.16 13.56
C ILE A 145 1.73 22.89 13.59
N GLU A 146 2.44 23.69 14.38
CA GLU A 146 3.87 23.45 14.63
C GLU A 146 4.04 22.20 15.47
N HIS A 147 3.27 22.10 16.55
CA HIS A 147 3.38 20.97 17.47
C HIS A 147 2.56 19.77 17.04
N GLN A 148 1.85 19.90 15.91
CA GLN A 148 0.93 18.84 15.49
C GLN A 148 1.66 17.55 15.20
N GLU A 149 2.70 17.64 14.40
CA GLU A 149 3.41 16.44 13.95
C GLU A 149 3.90 15.54 15.11
N ALA A 150 4.28 16.15 16.23
CA ALA A 150 4.75 15.37 17.39
C ALA A 150 3.61 14.60 18.04
N ILE A 151 2.50 15.29 18.28
CA ILE A 151 1.32 14.67 18.88
C ILE A 151 0.87 13.45 18.09
N VAL A 152 0.80 13.59 16.77
CA VAL A 152 0.44 12.47 15.91
C VAL A 152 1.44 11.31 16.06
N VAL A 153 2.73 11.62 15.98
CA VAL A 153 3.80 10.63 16.08
C VAL A 153 3.81 9.86 17.41
N ALA A 154 3.69 10.61 18.51
CA ALA A 154 3.68 10.03 19.84
C ALA A 154 2.42 9.21 20.02
N PHE A 155 1.30 9.71 19.50
CA PHE A 155 0.06 8.96 19.58
C PHE A 155 0.20 7.62 18.88
N LEU A 156 0.72 7.66 17.65
CA LEU A 156 0.90 6.45 16.87
C LEU A 156 1.78 5.49 17.63
N GLU A 157 3.04 5.89 17.83
CA GLU A 157 4.04 5.07 18.52
C GLU A 157 3.45 4.43 19.76
N ARG A 158 2.78 5.25 20.55
CA ARG A 158 2.18 4.83 21.80
C ARG A 158 1.16 3.70 21.58
N GLU A 159 0.31 3.83 20.56
CA GLU A 159 -0.81 2.92 20.40
C GLU A 159 -0.43 1.55 19.84
N GLN A 160 0.75 1.48 19.24
CA GLN A 160 1.17 0.22 18.65
C GLN A 160 2.43 -0.31 19.34
N LEU A 161 2.61 0.07 20.60
CA LEU A 161 3.77 -0.36 21.36
C LEU A 161 3.91 -1.88 21.28
N GLY B 1 -0.47 -4.40 10.69
CA GLY B 1 -1.33 -4.71 11.82
C GLY B 1 -2.13 -3.51 12.28
N GLN B 2 -1.74 -2.95 13.44
CA GLN B 2 -2.39 -1.75 13.97
C GLN B 2 -1.99 -0.52 13.16
N SER B 3 -0.80 -0.59 12.56
CA SER B 3 -0.32 0.44 11.66
C SER B 3 -1.24 0.56 10.45
N ARG B 4 -1.48 -0.56 9.77
CA ARG B 4 -2.35 -0.51 8.60
C ARG B 4 -3.74 -0.05 8.96
N GLU B 5 -4.26 -0.58 10.06
CA GLU B 5 -5.64 -0.31 10.42
C GLU B 5 -5.86 1.05 11.10
N ARG B 6 -4.79 1.74 11.48
CA ARG B 6 -4.91 3.14 11.87
C ARG B 6 -4.90 4.04 10.63
N LEU B 7 -4.01 3.70 9.69
CA LEU B 7 -3.94 4.35 8.40
C LEU B 7 -5.30 4.23 7.70
N VAL B 8 -5.82 3.01 7.66
CA VAL B 8 -7.15 2.72 7.10
C VAL B 8 -8.25 3.50 7.83
N LYS B 9 -8.14 3.55 9.16
CA LYS B 9 -9.04 4.34 9.99
C LYS B 9 -9.12 5.83 9.59
N TRP B 10 -7.95 6.47 9.43
CA TRP B 10 -7.89 7.89 9.03
C TRP B 10 -8.15 8.08 7.56
N LEU B 11 -7.80 7.10 6.75
CA LEU B 11 -8.19 7.13 5.33
C LEU B 11 -9.71 7.17 5.16
N GLN B 12 -10.44 6.39 5.96
CA GLN B 12 -11.90 6.38 5.91
C GLN B 12 -12.53 7.71 6.36
N ASP B 13 -11.98 8.34 7.40
CA ASP B 13 -12.45 9.65 7.85
C ASP B 13 -12.38 10.63 6.69
N ALA B 14 -11.21 10.70 6.07
CA ALA B 14 -10.95 11.63 4.97
C ALA B 14 -11.87 11.37 3.78
N TYR B 15 -12.04 10.10 3.42
CA TYR B 15 -12.90 9.77 2.29
C TYR B 15 -14.26 10.42 2.50
N ALA B 16 -14.72 10.38 3.74
CA ALA B 16 -16.04 10.90 4.09
C ALA B 16 -15.98 12.41 4.21
N MSE B 17 -14.83 12.91 4.65
CA MSE B 17 -14.60 14.34 4.73
C MSE B 17 -14.64 14.95 3.31
O MSE B 17 -15.18 16.04 3.11
CB MSE B 17 -13.26 14.57 5.41
CG MSE B 17 -12.96 15.98 5.76
SE MSE B 17 -11.08 16.11 6.28
CE MSE B 17 -11.06 14.67 7.60
N GLU B 18 -14.05 14.24 2.35
CA GLU B 18 -14.01 14.70 0.97
C GLU B 18 -15.38 14.67 0.32
N LYS B 19 -16.25 13.83 0.78
CA LYS B 19 -17.62 13.77 0.26
C LYS B 19 -18.44 14.92 0.82
N GLU B 20 -18.18 15.28 2.09
CA GLU B 20 -18.82 16.43 2.72
C GLU B 20 -18.28 17.73 2.12
N ALA B 21 -16.99 17.73 1.82
CA ALA B 21 -16.38 18.88 1.17
C ALA B 21 -17.02 19.06 -0.20
N GLU B 22 -17.11 17.96 -0.95
CA GLU B 22 -17.63 18.00 -2.32
C GLU B 22 -19.07 18.52 -2.40
N THR B 23 -19.88 18.17 -1.40
CA THR B 23 -21.25 18.67 -1.35
C THR B 23 -21.34 20.10 -0.81
N MSE B 24 -20.47 20.46 0.14
CA MSE B 24 -20.44 21.80 0.70
C MSE B 24 -19.95 22.83 -0.33
O MSE B 24 -20.37 23.99 -0.31
CB MSE B 24 -19.54 21.84 1.94
CG MSE B 24 -19.61 23.15 2.74
SE MSE B 24 -18.29 23.21 4.19
CE MSE B 24 -18.36 21.31 4.68
N MSE B 25 -19.08 22.38 -1.23
CA MSE B 25 -18.61 23.24 -2.30
C MSE B 25 -19.61 23.30 -3.44
O MSE B 25 -19.93 24.38 -3.93
CB MSE B 25 -17.28 22.73 -2.82
CG MSE B 25 -16.23 22.62 -1.75
SE MSE B 25 -14.48 22.45 -2.57
CE MSE B 25 -14.76 20.73 -3.42
N ALA B 26 -20.07 22.13 -3.86
CA ALA B 26 -21.07 22.03 -4.92
C ALA B 26 -22.35 22.78 -4.54
N ALA B 27 -22.41 23.25 -3.30
CA ALA B 27 -23.55 24.02 -2.82
C ALA B 27 -23.19 25.48 -2.52
N MSE B 28 -21.92 25.77 -2.29
CA MSE B 28 -21.51 27.16 -2.11
C MSE B 28 -21.41 27.81 -3.48
O MSE B 28 -21.65 29.00 -3.64
CB MSE B 28 -20.17 27.27 -1.38
CG MSE B 28 -20.03 28.50 -0.51
SE MSE B 28 -20.86 28.37 1.27
CE MSE B 28 -22.74 28.75 0.83
N ALA B 29 -21.06 26.99 -4.47
CA ALA B 29 -21.00 27.43 -5.86
C ALA B 29 -22.36 27.92 -6.36
N SER B 30 -23.42 27.26 -5.90
CA SER B 30 -24.78 27.59 -6.32
C SER B 30 -25.30 28.97 -5.87
N ARG B 31 -24.73 29.52 -4.80
CA ARG B 31 -25.23 30.75 -4.21
C ARG B 31 -24.53 32.01 -4.71
N ILE B 32 -23.47 31.83 -5.50
CA ILE B 32 -22.64 32.97 -5.92
C ILE B 32 -23.18 33.70 -7.15
N GLU B 33 -23.48 34.99 -6.97
CA GLU B 33 -24.01 35.79 -8.05
C GLU B 33 -23.02 36.86 -8.44
N HIS B 34 -22.14 37.22 -7.51
CA HIS B 34 -21.34 38.44 -7.67
C HIS B 34 -19.81 38.28 -7.70
N TYR B 35 -19.30 37.04 -7.72
CA TYR B 35 -17.85 36.82 -7.71
C TYR B 35 -17.46 35.70 -8.66
N PRO B 36 -17.44 36.01 -9.95
CA PRO B 36 -17.13 35.01 -10.98
C PRO B 36 -15.83 34.26 -10.67
N GLU B 37 -14.85 34.94 -10.07
CA GLU B 37 -13.59 34.31 -9.75
C GLU B 37 -13.86 33.28 -8.67
N LEU B 38 -14.42 33.73 -7.57
CA LEU B 38 -14.77 32.86 -6.45
C LEU B 38 -15.43 31.61 -7.00
N LYS B 39 -16.62 31.81 -7.57
CA LYS B 39 -17.43 30.72 -8.09
C LYS B 39 -16.63 29.82 -9.04
N ARG B 40 -15.92 30.45 -9.97
CA ARG B 40 -15.06 29.73 -10.90
C ARG B 40 -14.11 28.82 -10.12
N ARG B 41 -13.58 29.32 -9.00
CA ARG B 41 -12.61 28.56 -8.23
C ARG B 41 -13.24 27.32 -7.56
N ILE B 42 -14.32 27.54 -6.86
CA ILE B 42 -14.98 26.45 -6.15
C ILE B 42 -15.36 25.32 -7.11
N GLU B 43 -15.87 25.67 -8.29
CA GLU B 43 -16.23 24.68 -9.32
C GLU B 43 -15.07 23.76 -9.65
N GLN B 44 -13.90 24.36 -9.88
CA GLN B 44 -12.67 23.63 -10.15
C GLN B 44 -12.28 22.72 -8.99
N HIS B 45 -12.61 23.13 -7.76
CA HIS B 45 -12.25 22.31 -6.60
C HIS B 45 -13.29 21.22 -6.32
N VAL B 46 -14.51 21.40 -6.80
CA VAL B 46 -15.50 20.32 -6.72
C VAL B 46 -15.02 19.12 -7.54
N GLU B 47 -14.34 19.40 -8.65
CA GLU B 47 -13.80 18.33 -9.50
C GLU B 47 -12.51 17.74 -8.93
N GLU B 48 -11.63 18.60 -8.44
CA GLU B 48 -10.42 18.18 -7.73
C GLU B 48 -10.77 17.26 -6.54
N THR B 49 -11.78 17.64 -5.75
CA THR B 49 -12.21 16.83 -4.59
C THR B 49 -12.65 15.44 -5.01
N GLN B 50 -13.55 15.38 -5.98
CA GLN B 50 -13.99 14.09 -6.51
C GLN B 50 -12.79 13.18 -6.80
N GLN B 51 -11.71 13.78 -7.31
CA GLN B 51 -10.49 13.04 -7.61
C GLN B 51 -9.65 12.72 -6.37
N GLN B 52 -9.82 13.50 -5.31
CA GLN B 52 -9.15 13.23 -4.04
C GLN B 52 -9.61 11.92 -3.43
N SER B 53 -10.88 11.89 -3.02
CA SER B 53 -11.45 10.71 -2.38
C SER B 53 -11.31 9.46 -3.27
N ALA B 54 -11.49 9.63 -4.58
CA ALA B 54 -11.26 8.52 -5.50
C ALA B 54 -9.81 8.05 -5.36
N GLY B 55 -8.93 8.98 -5.00
CA GLY B 55 -7.56 8.62 -4.70
C GLY B 55 -7.50 7.97 -3.33
N VAL B 56 -8.26 8.52 -2.40
CA VAL B 56 -8.34 7.94 -1.09
C VAL B 56 -8.87 6.52 -1.20
N GLN B 57 -9.87 6.32 -2.06
CA GLN B 57 -10.53 5.02 -2.14
C GLN B 57 -9.60 3.96 -2.71
N ARG B 58 -8.79 4.35 -3.68
CA ARG B 58 -7.75 3.48 -4.17
C ARG B 58 -6.83 3.05 -3.02
N CYS B 59 -6.64 3.94 -2.06
CA CYS B 59 -5.83 3.66 -0.88
C CYS B 59 -6.55 2.75 0.11
N LEU B 60 -7.88 2.84 0.14
CA LEU B 60 -8.68 1.97 1.01
C LEU B 60 -8.83 0.58 0.38
N GLU B 61 -8.91 0.54 -0.94
CA GLU B 61 -8.97 -0.73 -1.66
C GLU B 61 -7.64 -1.48 -1.57
N LEU B 62 -6.54 -0.74 -1.64
CA LEU B 62 -5.21 -1.32 -1.49
C LEU B 62 -4.98 -2.04 -0.14
N LEU B 63 -5.37 -1.40 0.96
CA LEU B 63 -5.04 -1.90 2.30
C LEU B 63 -6.17 -2.75 2.89
N ASN B 64 -7.16 -3.07 2.05
CA ASN B 64 -8.28 -3.93 2.47
C ASN B 64 -9.31 -3.23 3.37
N GLY B 65 -9.06 -1.96 3.69
CA GLY B 65 -10.03 -1.18 4.44
C GLY B 65 -11.22 -0.84 3.57
N SER B 66 -12.41 -0.91 4.15
CA SER B 66 -13.62 -0.67 3.39
C SER B 66 -13.87 0.81 3.11
N ILE B 67 -14.84 1.08 2.25
CA ILE B 67 -15.12 2.42 1.77
C ILE B 67 -16.41 2.95 2.37
N PRO B 68 -16.30 3.93 3.28
CA PRO B 68 -17.37 4.53 4.10
C PRO B 68 -18.76 4.68 3.42
N THR B 69 -19.82 4.56 4.24
CA THR B 69 -21.19 4.59 3.75
C THR B 69 -21.80 5.99 3.87
N ALA B 70 -22.29 6.50 2.73
CA ALA B 70 -22.77 7.88 2.63
C ALA B 70 -23.78 8.29 3.71
N LYS B 71 -23.64 9.53 4.19
CA LYS B 71 -24.63 10.13 5.07
C LYS B 71 -25.34 11.24 4.31
N GLY B 72 -26.63 11.44 4.61
CA GLY B 72 -27.41 12.47 3.95
C GLY B 72 -27.27 13.85 4.57
N MSE B 73 -28.41 14.43 4.98
CA MSE B 73 -28.48 15.72 5.66
C MSE B 73 -27.25 16.62 5.46
O MSE B 73 -27.37 17.85 5.48
CB MSE B 73 -28.74 15.50 7.15
CG MSE B 73 -28.58 16.73 8.01
SE MSE B 73 -28.01 16.24 9.82
CE MSE B 73 -28.27 17.96 10.70
N MSE B 89 -29.75 41.37 1.66
CA MSE B 89 -28.82 41.57 2.75
C MSE B 89 -28.45 40.24 3.40
O MSE B 89 -28.29 40.14 4.62
CB MSE B 89 -29.39 42.57 3.78
CG MSE B 89 -30.38 41.98 4.77
SE MSE B 89 -29.76 41.99 6.64
CE MSE B 89 -30.82 43.49 7.32
N THR B 90 -28.30 39.21 2.58
CA THR B 90 -27.85 37.90 3.06
C THR B 90 -26.34 37.85 3.25
N ASP B 91 -25.93 37.16 4.32
CA ASP B 91 -24.55 37.12 4.76
C ASP B 91 -23.85 35.89 4.19
N GLU B 92 -24.63 34.99 3.59
CA GLU B 92 -24.18 33.61 3.39
C GLU B 92 -22.89 33.46 2.60
N VAL B 93 -22.54 34.46 1.78
CA VAL B 93 -21.34 34.39 0.94
C VAL B 93 -20.05 34.79 1.66
N THR B 94 -20.09 35.84 2.48
CA THR B 94 -18.93 36.23 3.29
C THR B 94 -18.59 35.11 4.26
N LYS B 95 -19.62 34.51 4.83
CA LYS B 95 -19.44 33.50 5.85
C LYS B 95 -19.19 32.13 5.23
N GLY B 96 -19.47 32.00 3.94
CA GLY B 96 -19.19 30.77 3.22
C GLY B 96 -17.71 30.73 2.91
N VAL B 97 -17.15 31.88 2.58
CA VAL B 97 -15.72 31.99 2.35
C VAL B 97 -14.95 31.75 3.66
N GLY B 98 -15.61 32.00 4.79
CA GLY B 98 -15.02 31.75 6.09
C GLY B 98 -15.04 30.27 6.50
N ILE B 99 -16.18 29.62 6.31
CA ILE B 99 -16.26 28.19 6.59
C ILE B 99 -15.43 27.44 5.55
N SER B 100 -15.45 27.93 4.31
CA SER B 100 -14.68 27.30 3.23
C SER B 100 -13.24 27.20 3.63
N TYR B 101 -12.75 28.29 4.21
CA TYR B 101 -11.36 28.39 4.60
C TYR B 101 -11.02 27.49 5.81
N ALA B 102 -11.93 27.43 6.78
CA ALA B 102 -11.76 26.61 7.99
C ALA B 102 -11.80 25.11 7.67
N PHE B 103 -12.69 24.70 6.78
CA PHE B 103 -12.74 23.30 6.38
C PHE B 103 -11.47 22.91 5.62
N GLU B 104 -10.96 23.82 4.79
CA GLU B 104 -9.74 23.58 4.02
C GLU B 104 -8.55 23.45 4.97
N HIS B 105 -8.71 23.97 6.19
CA HIS B 105 -7.69 23.76 7.22
C HIS B 105 -7.94 22.49 8.05
N LEU B 106 -9.21 22.15 8.25
CA LEU B 106 -9.54 20.84 8.79
C LEU B 106 -8.86 19.81 7.89
N GLU B 107 -9.04 19.96 6.59
CA GLU B 107 -8.45 19.01 5.64
C GLU B 107 -6.93 18.96 5.73
N ILE B 108 -6.29 20.13 5.69
CA ILE B 108 -4.83 20.21 5.88
C ILE B 108 -4.40 19.36 7.08
N ALA B 109 -4.79 19.77 8.28
CA ALA B 109 -4.42 19.04 9.48
C ALA B 109 -4.59 17.52 9.28
N SER B 110 -5.74 17.10 8.77
CA SER B 110 -6.00 15.67 8.61
C SER B 110 -5.00 14.99 7.67
N TYR B 111 -4.74 15.63 6.54
CA TYR B 111 -3.85 15.04 5.57
C TYR B 111 -2.40 15.06 6.03
N ARG B 112 -2.00 16.10 6.75
CA ARG B 112 -0.68 16.09 7.37
C ARG B 112 -0.55 14.86 8.24
N ALA B 113 -1.55 14.61 9.09
CA ALA B 113 -1.52 13.48 10.01
C ALA B 113 -1.70 12.13 9.30
N LEU B 114 -2.22 12.17 8.07
CA LEU B 114 -2.25 10.97 7.24
C LEU B 114 -0.88 10.61 6.67
N VAL B 115 -0.14 11.62 6.24
CA VAL B 115 1.23 11.42 5.78
C VAL B 115 2.08 10.75 6.88
N VAL B 116 1.71 11.00 8.13
CA VAL B 116 2.42 10.43 9.27
C VAL B 116 1.98 8.98 9.58
N ALA B 117 0.68 8.72 9.48
CA ALA B 117 0.16 7.36 9.67
C ALA B 117 0.52 6.46 8.49
N ALA B 118 0.80 7.07 7.34
CA ALA B 118 1.29 6.32 6.19
C ALA B 118 2.78 6.03 6.30
N ARG B 119 3.56 7.06 6.64
CA ARG B 119 5.00 6.87 6.80
C ARG B 119 5.28 5.78 7.83
N SER B 120 4.73 5.96 9.03
CA SER B 120 4.85 4.98 10.12
C SER B 120 4.46 3.56 9.69
N ALA B 121 3.48 3.46 8.78
CA ALA B 121 3.01 2.17 8.28
C ALA B 121 3.88 1.66 7.13
N GLY B 122 4.86 2.48 6.72
CA GLY B 122 5.74 2.12 5.63
C GLY B 122 5.00 1.98 4.32
N GLU B 123 3.87 2.67 4.21
CA GLU B 123 3.14 2.75 2.95
C GLU B 123 3.52 4.07 2.31
N GLN B 124 4.64 4.09 1.60
CA GLN B 124 5.14 5.34 1.06
C GLN B 124 4.33 5.87 -0.13
N GLU B 125 3.67 4.98 -0.87
CA GLU B 125 2.81 5.39 -1.98
C GLU B 125 1.57 6.09 -1.46
N VAL B 126 0.95 5.53 -0.40
CA VAL B 126 -0.18 6.17 0.25
C VAL B 126 0.23 7.57 0.70
N ALA B 127 1.41 7.67 1.30
CA ALA B 127 1.92 8.92 1.83
C ALA B 127 2.02 10.02 0.76
N GLN B 128 2.39 9.63 -0.45
CA GLN B 128 2.51 10.58 -1.55
C GLN B 128 1.13 11.08 -1.97
N ILE B 129 0.20 10.15 -2.18
CA ILE B 129 -1.18 10.53 -2.44
C ILE B 129 -1.52 11.66 -1.49
N CYS B 130 -1.31 11.40 -0.21
CA CYS B 130 -1.77 12.31 0.83
C CYS B 130 -1.07 13.66 0.84
N GLU B 131 0.20 13.68 0.46
CA GLU B 131 0.94 14.94 0.42
C GLU B 131 0.46 15.76 -0.76
N ASP B 132 -0.03 15.07 -1.78
CA ASP B 132 -0.46 15.74 -3.00
C ASP B 132 -1.85 16.34 -2.81
N ILE B 133 -2.75 15.58 -2.18
CA ILE B 133 -4.03 16.13 -1.77
C ILE B 133 -3.81 17.31 -0.82
N LEU B 134 -2.85 17.17 0.09
CA LEU B 134 -2.52 18.23 1.05
C LEU B 134 -2.17 19.55 0.38
N GLN B 135 -1.31 19.50 -0.64
CA GLN B 135 -0.84 20.69 -1.35
C GLN B 135 -1.99 21.41 -2.04
N GLN B 136 -2.99 20.65 -2.48
CA GLN B 136 -4.19 21.21 -3.11
C GLN B 136 -5.06 21.95 -2.10
N GLU B 137 -5.12 21.43 -0.86
CA GLU B 137 -5.90 22.08 0.20
C GLU B 137 -5.23 23.37 0.58
N ILE B 138 -3.91 23.33 0.68
CA ILE B 138 -3.12 24.52 0.94
C ILE B 138 -3.31 25.55 -0.17
N GLU B 139 -3.15 25.10 -1.41
CA GLU B 139 -3.37 25.94 -2.58
CA GLU B 139 -3.35 25.97 -2.55
C GLU B 139 -4.75 26.61 -2.50
N MSE B 140 -5.78 25.81 -2.23
CA MSE B 140 -7.16 26.28 -2.21
C MSE B 140 -7.43 27.25 -1.06
O MSE B 140 -8.03 28.31 -1.25
CB MSE B 140 -8.12 25.09 -2.13
CG MSE B 140 -9.61 25.44 -2.12
SE MSE B 140 -10.25 26.46 -3.68
CE MSE B 140 -12.08 25.83 -3.71
N ALA B 141 -6.98 26.86 0.13
CA ALA B 141 -7.12 27.68 1.33
C ALA B 141 -6.48 29.05 1.07
N GLU B 142 -5.31 29.02 0.44
CA GLU B 142 -4.62 30.25 0.06
C GLU B 142 -5.45 31.09 -0.89
N TRP B 143 -6.17 30.44 -1.80
CA TRP B 143 -6.97 31.18 -2.76
C TRP B 143 -8.04 32.02 -2.07
N LEU B 144 -8.68 31.44 -1.07
CA LEU B 144 -9.82 32.10 -0.41
C LEU B 144 -9.40 33.27 0.49
N ILE B 145 -8.32 33.09 1.26
CA ILE B 145 -7.95 34.07 2.28
C ILE B 145 -7.23 35.28 1.69
N GLU B 146 -6.80 35.14 0.45
CA GLU B 146 -6.26 36.26 -0.28
C GLU B 146 -7.39 37.05 -0.93
N HIS B 147 -8.24 36.36 -1.69
CA HIS B 147 -9.38 37.00 -2.34
C HIS B 147 -10.45 37.38 -1.33
N GLN B 148 -10.24 36.99 -0.08
CA GLN B 148 -11.26 37.17 0.93
C GLN B 148 -11.60 38.64 1.06
N GLU B 149 -10.58 39.43 1.33
CA GLU B 149 -10.79 40.83 1.64
C GLU B 149 -11.65 41.57 0.60
N ALA B 150 -11.41 41.29 -0.69
CA ALA B 150 -12.19 41.96 -1.75
C ALA B 150 -13.66 41.56 -1.69
N ILE B 151 -13.88 40.26 -1.43
CA ILE B 151 -15.23 39.72 -1.36
C ILE B 151 -16.01 40.35 -0.23
N VAL B 152 -15.34 40.54 0.91
CA VAL B 152 -15.96 41.20 2.05
C VAL B 152 -16.34 42.66 1.74
N VAL B 153 -15.37 43.41 1.21
CA VAL B 153 -15.56 44.80 0.90
C VAL B 153 -16.70 45.00 -0.09
N ALA B 154 -16.60 44.30 -1.22
CA ALA B 154 -17.64 44.39 -2.25
C ALA B 154 -18.99 44.08 -1.65
N PHE B 155 -19.03 43.13 -0.72
CA PHE B 155 -20.28 42.80 -0.08
C PHE B 155 -20.80 44.03 0.65
N LEU B 156 -19.91 44.65 1.42
CA LEU B 156 -20.29 45.80 2.24
C LEU B 156 -20.79 46.96 1.37
N GLU B 157 -19.97 47.38 0.41
CA GLU B 157 -20.28 48.49 -0.48
C GLU B 157 -21.58 48.27 -1.24
N ARG B 158 -21.81 47.02 -1.61
CA ARG B 158 -23.03 46.61 -2.31
C ARG B 158 -24.25 46.66 -1.38
N GLU B 159 -24.09 46.15 -0.16
CA GLU B 159 -25.19 46.09 0.81
C GLU B 159 -25.74 47.46 1.18
N GLN B 160 -24.85 48.40 1.47
CA GLN B 160 -25.23 49.72 1.94
C GLN B 160 -25.28 50.73 0.79
N LEU B 161 -25.47 50.24 -0.42
CA LEU B 161 -25.34 51.08 -1.61
C LEU B 161 -26.31 52.27 -1.60
N GLN C 2 26.68 -49.85 -2.19
CA GLN C 2 26.21 -49.61 -3.55
C GLN C 2 24.98 -48.69 -3.54
N SER C 3 23.85 -49.26 -3.15
CA SER C 3 22.65 -48.47 -2.95
C SER C 3 22.89 -47.51 -1.78
N ARG C 4 24.00 -47.70 -1.07
CA ARG C 4 24.40 -46.75 -0.03
C ARG C 4 25.14 -45.56 -0.61
N GLU C 5 25.93 -45.80 -1.66
CA GLU C 5 26.66 -44.73 -2.33
C GLU C 5 25.75 -43.75 -3.05
N ARG C 6 24.88 -44.28 -3.91
CA ARG C 6 23.84 -43.47 -4.52
C ARG C 6 23.22 -42.57 -3.46
N LEU C 7 22.82 -43.16 -2.34
CA LEU C 7 22.11 -42.45 -1.29
C LEU C 7 22.94 -41.36 -0.62
N VAL C 8 24.24 -41.61 -0.43
CA VAL C 8 25.08 -40.59 0.19
C VAL C 8 25.16 -39.37 -0.73
N LYS C 9 25.38 -39.61 -2.01
CA LYS C 9 25.51 -38.52 -2.97
C LYS C 9 24.27 -37.62 -2.94
N TRP C 10 23.09 -38.22 -3.11
CA TRP C 10 21.85 -37.43 -3.12
C TRP C 10 21.64 -36.68 -1.79
N LEU C 11 22.05 -37.30 -0.68
CA LEU C 11 22.00 -36.64 0.63
C LEU C 11 22.89 -35.40 0.65
N GLN C 12 24.07 -35.53 0.06
CA GLN C 12 25.01 -34.42 -0.10
C GLN C 12 24.39 -33.31 -0.96
N ASP C 13 23.71 -33.71 -2.04
CA ASP C 13 23.03 -32.76 -2.92
C ASP C 13 21.94 -32.03 -2.15
N ALA C 14 21.32 -32.73 -1.20
CA ALA C 14 20.28 -32.14 -0.36
C ALA C 14 20.84 -31.12 0.64
N TYR C 15 21.97 -31.46 1.28
CA TYR C 15 22.62 -30.57 2.24
C TYR C 15 23.07 -29.27 1.55
N ALA C 16 23.58 -29.41 0.34
CA ALA C 16 23.90 -28.26 -0.50
C ALA C 16 22.64 -27.41 -0.72
N MSE C 17 21.56 -28.07 -1.09
CA MSE C 17 20.28 -27.41 -1.32
C MSE C 17 19.77 -26.66 -0.10
O MSE C 17 19.32 -25.53 -0.18
CB MSE C 17 19.26 -28.46 -1.76
CG MSE C 17 18.05 -27.89 -2.45
SE MSE C 17 17.16 -29.34 -3.38
CE MSE C 17 18.50 -29.69 -4.75
N GLU C 18 19.83 -27.31 1.06
CA GLU C 18 19.40 -26.67 2.29
C GLU C 18 20.15 -25.38 2.54
N LYS C 19 21.47 -25.44 2.42
CA LYS C 19 22.31 -24.30 2.79
C LYS C 19 22.09 -23.11 1.85
N GLU C 20 21.62 -23.39 0.64
CA GLU C 20 21.31 -22.33 -0.32
C GLU C 20 19.88 -21.80 -0.10
N ALA C 21 18.99 -22.67 0.34
CA ALA C 21 17.63 -22.24 0.65
C ALA C 21 17.63 -21.27 1.83
N GLU C 22 18.44 -21.55 2.86
CA GLU C 22 18.55 -20.66 4.02
C GLU C 22 19.03 -19.27 3.58
N THR C 23 20.10 -19.25 2.80
CA THR C 23 20.63 -17.98 2.28
C THR C 23 19.59 -17.27 1.44
N MSE C 24 18.96 -18.02 0.54
CA MSE C 24 17.96 -17.51 -0.38
C MSE C 24 16.89 -16.71 0.35
O MSE C 24 16.71 -15.51 0.10
CB MSE C 24 17.32 -18.67 -1.15
CG MSE C 24 16.09 -18.29 -1.95
SE MSE C 24 15.53 -19.69 -3.20
CE MSE C 24 17.22 -19.98 -4.12
N MSE C 25 16.16 -17.36 1.25
CA MSE C 25 15.04 -16.73 1.92
C MSE C 25 15.44 -15.78 3.04
O MSE C 25 14.68 -14.86 3.38
CB MSE C 25 14.14 -17.80 2.50
CG MSE C 25 13.47 -18.64 1.46
SE MSE C 25 12.34 -19.89 2.42
CE MSE C 25 13.70 -20.63 3.64
N ALA C 26 16.61 -15.99 3.63
CA ALA C 26 17.15 -15.05 4.60
C ALA C 26 17.20 -13.66 3.97
N ALA C 27 18.01 -13.54 2.94
CA ALA C 27 18.13 -12.29 2.19
C ALA C 27 16.76 -11.72 1.86
N MSE C 28 15.93 -12.55 1.21
CA MSE C 28 14.62 -12.08 0.78
C MSE C 28 13.83 -11.50 1.94
O MSE C 28 13.23 -10.42 1.82
CB MSE C 28 13.82 -13.20 0.14
CG MSE C 28 12.54 -12.69 -0.48
SE MSE C 28 11.40 -14.12 -1.06
CE MSE C 28 9.79 -13.04 -1.35
N ALA C 29 13.80 -12.21 3.06
CA ALA C 29 13.08 -11.77 4.24
C ALA C 29 13.61 -10.42 4.71
N SER C 30 14.91 -10.21 4.53
CA SER C 30 15.54 -8.97 4.96
C SER C 30 15.04 -7.78 4.14
N ARG C 31 14.42 -8.07 3.00
CA ARG C 31 14.03 -7.04 2.06
C ARG C 31 12.53 -6.78 2.00
N ILE C 32 11.77 -7.51 2.81
CA ILE C 32 10.32 -7.38 2.79
C ILE C 32 9.78 -6.17 3.55
N GLU C 33 9.14 -5.28 2.79
CA GLU C 33 8.62 -4.03 3.35
C GLU C 33 7.15 -4.14 3.70
N HIS C 34 6.33 -4.49 2.70
CA HIS C 34 4.88 -4.42 2.84
C HIS C 34 4.20 -5.74 3.19
N TYR C 35 5.00 -6.78 3.39
CA TYR C 35 4.43 -8.10 3.61
C TYR C 35 5.00 -8.78 4.86
N PRO C 36 4.39 -8.50 6.03
CA PRO C 36 4.82 -8.99 7.34
C PRO C 36 4.61 -10.50 7.56
N GLU C 37 3.49 -11.05 7.09
CA GLU C 37 3.23 -12.46 7.34
C GLU C 37 3.91 -13.32 6.30
N LEU C 38 4.31 -12.70 5.20
CA LEU C 38 5.18 -13.37 4.24
C LEU C 38 6.61 -13.33 4.76
N LYS C 39 6.92 -12.29 5.54
CA LYS C 39 8.25 -12.16 6.13
C LYS C 39 8.35 -13.01 7.40
N ARG C 40 7.22 -13.29 8.02
CA ARG C 40 7.18 -14.17 9.19
C ARG C 40 7.42 -15.62 8.76
N ARG C 41 6.57 -16.10 7.85
CA ARG C 41 6.65 -17.46 7.33
C ARG C 41 8.03 -17.82 6.80
N ILE C 42 8.66 -16.87 6.12
CA ILE C 42 9.98 -17.07 5.52
C ILE C 42 11.10 -17.20 6.56
N GLU C 43 11.30 -16.16 7.36
CA GLU C 43 12.31 -16.18 8.42
C GLU C 43 12.12 -17.42 9.29
N GLN C 44 10.89 -17.93 9.31
CA GLN C 44 10.60 -19.16 10.02
C GLN C 44 11.09 -20.35 9.20
N HIS C 45 10.75 -20.35 7.92
CA HIS C 45 11.15 -21.46 7.07
C HIS C 45 12.66 -21.60 7.11
N VAL C 46 13.35 -20.46 7.15
CA VAL C 46 14.78 -20.50 7.36
C VAL C 46 15.07 -21.32 8.61
N GLU C 47 14.46 -20.93 9.73
CA GLU C 47 14.52 -21.71 10.96
C GLU C 47 14.34 -23.20 10.67
N GLU C 48 13.18 -23.57 10.13
CA GLU C 48 12.92 -24.96 9.79
C GLU C 48 14.03 -25.53 8.89
N THR C 49 14.56 -24.69 8.01
CA THR C 49 15.55 -25.13 7.04
C THR C 49 16.90 -25.39 7.68
N GLN C 50 17.13 -24.81 8.86
CA GLN C 50 18.40 -25.01 9.55
C GLN C 50 18.43 -26.35 10.31
N GLN C 51 17.27 -26.80 10.78
CA GLN C 51 17.13 -28.09 11.45
C GLN C 51 17.12 -29.23 10.44
N GLN C 52 16.55 -28.96 9.27
CA GLN C 52 16.58 -29.94 8.20
C GLN C 52 18.03 -30.28 7.82
N SER C 53 18.82 -29.23 7.57
CA SER C 53 20.20 -29.43 7.18
C SER C 53 20.93 -30.22 8.28
N ALA C 54 20.46 -30.08 9.51
CA ALA C 54 21.04 -30.82 10.63
C ALA C 54 20.76 -32.32 10.54
N GLY C 55 19.54 -32.66 10.11
CA GLY C 55 19.17 -34.06 9.95
C GLY C 55 19.94 -34.73 8.82
N VAL C 56 19.95 -34.09 7.66
CA VAL C 56 20.74 -34.55 6.52
C VAL C 56 22.22 -34.57 6.91
N GLN C 57 22.55 -33.79 7.94
CA GLN C 57 23.88 -33.76 8.52
C GLN C 57 24.09 -35.05 9.32
N ARG C 58 23.02 -35.52 9.97
CA ARG C 58 23.07 -36.72 10.77
C ARG C 58 22.87 -37.98 9.92
N CYS C 59 22.20 -37.86 8.78
CA CYS C 59 22.10 -39.00 7.88
C CYS C 59 23.48 -39.35 7.32
N LEU C 60 24.15 -38.34 6.78
CA LEU C 60 25.49 -38.50 6.22
C LEU C 60 26.45 -39.17 7.23
N GLU C 61 26.36 -38.76 8.49
CA GLU C 61 27.10 -39.42 9.58
C GLU C 61 26.85 -40.92 9.57
N LEU C 62 25.60 -41.30 9.79
CA LEU C 62 25.21 -42.70 9.80
C LEU C 62 25.92 -43.50 8.72
N LEU C 63 26.06 -42.89 7.54
CA LEU C 63 26.51 -43.58 6.33
C LEU C 63 27.96 -43.25 5.92
N ASN C 64 28.65 -42.51 6.77
CA ASN C 64 30.07 -42.18 6.56
C ASN C 64 30.39 -41.30 5.34
N GLY C 65 29.37 -40.81 4.67
CA GLY C 65 29.60 -39.87 3.58
C GLY C 65 30.14 -38.58 4.14
N SER C 66 30.63 -37.71 3.26
CA SER C 66 31.21 -36.44 3.70
C SER C 66 30.24 -35.28 3.60
N ILE C 67 30.59 -34.18 4.25
CA ILE C 67 29.80 -32.95 4.20
C ILE C 67 30.19 -32.11 2.98
N PRO C 68 29.19 -31.69 2.19
CA PRO C 68 29.31 -31.02 0.88
C PRO C 68 30.14 -29.72 0.83
N THR C 69 30.56 -29.39 -0.39
CA THR C 69 31.62 -28.41 -0.65
C THR C 69 31.18 -27.00 -1.09
N ALA C 70 30.94 -26.12 -0.12
CA ALA C 70 30.67 -24.71 -0.39
C ALA C 70 30.37 -23.96 0.91
N MSE C 89 8.58 1.01 -8.09
CA MSE C 89 8.19 -0.21 -7.41
C MSE C 89 8.79 -1.44 -8.07
O MSE C 89 8.29 -1.90 -9.10
CB MSE C 89 6.67 -0.33 -7.38
CG MSE C 89 6.15 -1.57 -6.64
SE MSE C 89 4.26 -1.35 -6.25
CE MSE C 89 4.32 0.56 -5.94
N THR C 90 9.85 -1.99 -7.48
CA THR C 90 10.61 -3.07 -8.13
C THR C 90 10.09 -4.49 -7.91
N ASP C 91 9.72 -5.13 -9.03
CA ASP C 91 9.79 -6.56 -9.22
C ASP C 91 10.07 -7.34 -7.91
N GLU C 92 11.36 -7.45 -7.60
CA GLU C 92 11.93 -8.22 -6.46
C GLU C 92 10.99 -9.13 -5.63
N VAL C 93 9.93 -8.57 -5.07
CA VAL C 93 9.03 -9.33 -4.20
C VAL C 93 8.19 -10.38 -4.96
N THR C 94 7.27 -9.94 -5.82
CA THR C 94 6.41 -10.88 -6.55
C THR C 94 7.23 -11.97 -7.26
N LYS C 95 8.29 -11.58 -7.94
CA LYS C 95 9.17 -12.53 -8.61
C LYS C 95 9.77 -13.48 -7.58
N GLY C 96 10.19 -12.91 -6.45
CA GLY C 96 10.85 -13.66 -5.41
C GLY C 96 9.92 -14.70 -4.81
N VAL C 97 8.63 -14.47 -4.95
CA VAL C 97 7.64 -15.44 -4.51
C VAL C 97 7.67 -16.66 -5.44
N GLY C 98 7.49 -16.41 -6.73
CA GLY C 98 7.53 -17.48 -7.72
C GLY C 98 8.80 -18.31 -7.67
N ILE C 99 9.93 -17.64 -7.55
CA ILE C 99 11.21 -18.31 -7.50
C ILE C 99 11.36 -19.20 -6.27
N SER C 100 10.98 -18.67 -5.10
CA SER C 100 10.99 -19.47 -3.89
C SER C 100 9.95 -20.56 -3.99
N TYR C 101 8.78 -20.25 -4.56
CA TYR C 101 7.75 -21.26 -4.79
C TYR C 101 8.29 -22.44 -5.62
N ALA C 102 8.87 -22.13 -6.78
CA ALA C 102 9.40 -23.16 -7.66
C ALA C 102 10.50 -23.91 -6.95
N PHE C 103 11.34 -23.18 -6.23
CA PHE C 103 12.46 -23.77 -5.50
C PHE C 103 11.94 -24.86 -4.58
N GLU C 104 10.86 -24.56 -3.89
CA GLU C 104 10.22 -25.52 -3.02
C GLU C 104 9.94 -26.79 -3.81
N HIS C 105 9.50 -26.63 -5.06
CA HIS C 105 9.16 -27.79 -5.88
C HIS C 105 10.35 -28.55 -6.44
N LEU C 106 11.52 -27.93 -6.45
CA LEU C 106 12.74 -28.68 -6.66
C LEU C 106 13.06 -29.52 -5.43
N GLU C 107 12.90 -28.91 -4.26
CA GLU C 107 13.13 -29.63 -3.01
C GLU C 107 12.13 -30.77 -2.84
N ILE C 108 10.88 -30.55 -3.26
CA ILE C 108 9.85 -31.58 -3.19
C ILE C 108 10.18 -32.73 -4.14
N ALA C 109 10.62 -32.41 -5.36
CA ALA C 109 11.06 -33.44 -6.28
C ALA C 109 12.30 -34.15 -5.73
N SER C 110 13.26 -33.38 -5.22
CA SER C 110 14.51 -33.96 -4.74
C SER C 110 14.35 -34.86 -3.52
N TYR C 111 13.46 -34.50 -2.60
CA TYR C 111 13.22 -35.34 -1.45
C TYR C 111 12.40 -36.58 -1.78
N ARG C 112 11.53 -36.46 -2.78
CA ARG C 112 10.84 -37.62 -3.31
C ARG C 112 11.82 -38.59 -4.00
N ALA C 113 12.94 -38.10 -4.51
CA ALA C 113 13.99 -38.98 -5.01
C ALA C 113 14.80 -39.60 -3.86
N LEU C 114 15.01 -38.83 -2.81
CA LEU C 114 15.81 -39.30 -1.68
C LEU C 114 15.12 -40.38 -0.86
N VAL C 115 13.80 -40.35 -0.82
CA VAL C 115 13.06 -41.35 -0.09
C VAL C 115 13.12 -42.71 -0.79
N VAL C 116 12.93 -42.73 -2.11
CA VAL C 116 13.03 -43.98 -2.85
C VAL C 116 14.44 -44.57 -2.74
N ALA C 117 15.45 -43.73 -2.94
CA ALA C 117 16.82 -44.16 -2.79
C ALA C 117 17.11 -44.68 -1.37
N ALA C 118 16.66 -43.93 -0.36
CA ALA C 118 16.87 -44.35 1.01
C ALA C 118 16.36 -45.77 1.16
N ARG C 119 15.12 -45.98 0.74
CA ARG C 119 14.51 -47.30 0.81
C ARG C 119 15.21 -48.27 -0.12
N SER C 120 15.67 -47.79 -1.28
CA SER C 120 16.48 -48.59 -2.18
C SER C 120 17.73 -49.13 -1.47
N ALA C 121 17.91 -48.74 -0.22
CA ALA C 121 19.05 -49.16 0.56
C ALA C 121 18.64 -49.71 1.94
N GLY C 122 17.34 -49.92 2.13
CA GLY C 122 16.82 -50.44 3.39
C GLY C 122 17.09 -49.52 4.56
N GLU C 123 17.20 -48.23 4.29
CA GLU C 123 17.45 -47.24 5.32
C GLU C 123 16.17 -46.51 5.64
N GLN C 124 15.32 -47.12 6.45
CA GLN C 124 14.00 -46.55 6.72
C GLN C 124 14.08 -45.35 7.67
N GLU C 125 14.99 -45.42 8.65
CA GLU C 125 15.24 -44.28 9.54
C GLU C 125 15.51 -43.02 8.73
N VAL C 126 16.43 -43.15 7.78
CA VAL C 126 16.76 -42.05 6.87
C VAL C 126 15.58 -41.72 5.96
N ALA C 127 15.01 -42.74 5.33
CA ALA C 127 13.84 -42.53 4.49
C ALA C 127 12.88 -41.66 5.27
N GLN C 128 12.72 -41.98 6.55
CA GLN C 128 11.80 -41.27 7.42
C GLN C 128 12.24 -39.80 7.62
N ILE C 129 13.54 -39.56 7.77
CA ILE C 129 14.04 -38.20 7.89
C ILE C 129 13.67 -37.40 6.65
N CYS C 130 13.89 -38.00 5.48
CA CYS C 130 13.64 -37.33 4.21
C CYS C 130 12.15 -37.07 3.98
N GLU C 131 11.30 -37.94 4.52
CA GLU C 131 9.85 -37.78 4.45
C GLU C 131 9.35 -36.54 5.18
N ASP C 132 9.87 -36.32 6.39
CA ASP C 132 9.42 -35.22 7.23
C ASP C 132 9.78 -33.88 6.59
N ILE C 133 11.00 -33.82 6.04
CA ILE C 133 11.47 -32.65 5.30
C ILE C 133 10.60 -32.37 4.07
N LEU C 134 10.42 -33.39 3.23
CA LEU C 134 9.54 -33.30 2.06
C LEU C 134 8.16 -32.73 2.44
N GLN C 135 7.59 -33.24 3.53
CA GLN C 135 6.29 -32.77 4.02
C GLN C 135 6.38 -31.30 4.43
N GLN C 136 7.51 -30.93 5.02
CA GLN C 136 7.76 -29.55 5.44
C GLN C 136 7.89 -28.57 4.27
N GLU C 137 8.54 -29.01 3.18
CA GLU C 137 8.67 -28.17 2.00
C GLU C 137 7.35 -28.11 1.19
N ILE C 138 6.57 -29.19 1.20
CA ILE C 138 5.26 -29.20 0.55
C ILE C 138 4.31 -28.16 1.17
N GLU C 139 4.35 -28.02 2.48
CA GLU C 139 3.54 -27.03 3.19
C GLU C 139 3.90 -25.61 2.78
N MSE C 140 5.20 -25.33 2.73
CA MSE C 140 5.67 -24.02 2.29
C MSE C 140 5.23 -23.69 0.86
O MSE C 140 4.86 -22.56 0.58
CB MSE C 140 7.20 -23.96 2.41
CG MSE C 140 7.79 -22.58 2.08
SE MSE C 140 7.29 -21.20 3.38
CE MSE C 140 8.62 -19.85 2.92
N ALA C 141 5.30 -24.68 -0.04
CA ALA C 141 4.87 -24.49 -1.42
C ALA C 141 3.40 -24.07 -1.49
N GLU C 142 2.57 -24.75 -0.70
CA GLU C 142 1.15 -24.42 -0.62
C GLU C 142 0.90 -23.06 0.04
N TRP C 143 1.51 -22.82 1.20
CA TRP C 143 1.35 -21.53 1.85
C TRP C 143 1.70 -20.43 0.85
N LEU C 144 2.91 -20.49 0.32
CA LEU C 144 3.31 -19.58 -0.75
C LEU C 144 2.22 -19.42 -1.81
N ILE C 145 1.87 -20.50 -2.49
CA ILE C 145 0.91 -20.42 -3.60
C ILE C 145 -0.46 -19.90 -3.17
N GLU C 146 -0.90 -20.26 -1.97
CA GLU C 146 -2.18 -19.81 -1.43
C GLU C 146 -2.18 -18.32 -1.09
N HIS C 147 -1.02 -17.68 -1.22
CA HIS C 147 -0.90 -16.26 -0.88
C HIS C 147 -0.44 -15.39 -2.04
N GLN C 148 0.18 -15.99 -3.05
CA GLN C 148 0.72 -15.25 -4.19
C GLN C 148 -0.25 -14.20 -4.74
N GLU C 149 -1.53 -14.55 -4.83
CA GLU C 149 -2.50 -13.66 -5.46
C GLU C 149 -2.69 -12.36 -4.67
N ALA C 150 -2.84 -12.48 -3.35
CA ALA C 150 -3.05 -11.32 -2.50
C ALA C 150 -1.85 -10.40 -2.54
N ILE C 151 -0.67 -11.00 -2.66
CA ILE C 151 0.57 -10.23 -2.72
C ILE C 151 0.68 -9.53 -4.07
N VAL C 152 0.41 -10.27 -5.13
CA VAL C 152 0.46 -9.75 -6.50
C VAL C 152 -0.54 -8.62 -6.71
N VAL C 153 -1.73 -8.77 -6.16
CA VAL C 153 -2.74 -7.72 -6.26
C VAL C 153 -2.26 -6.45 -5.52
N ALA C 154 -1.94 -6.61 -4.24
CA ALA C 154 -1.43 -5.51 -3.43
C ALA C 154 -0.29 -4.82 -4.17
N PHE C 155 0.49 -5.61 -4.88
CA PHE C 155 1.65 -5.11 -5.60
C PHE C 155 1.24 -4.23 -6.78
N LEU C 156 0.28 -4.69 -7.58
CA LEU C 156 -0.14 -3.95 -8.75
C LEU C 156 -0.92 -2.70 -8.31
N GLU C 157 -1.58 -2.78 -7.17
CA GLU C 157 -2.38 -1.66 -6.67
C GLU C 157 -1.50 -0.53 -6.15
N ARG C 158 -0.34 -0.89 -5.62
CA ARG C 158 0.57 0.10 -5.09
C ARG C 158 1.27 0.84 -6.24
N GLU C 159 1.49 0.16 -7.36
CA GLU C 159 2.06 0.79 -8.55
C GLU C 159 1.01 1.64 -9.25
N GLN C 160 -0.24 1.18 -9.18
CA GLN C 160 -1.34 1.90 -9.81
C GLN C 160 -1.85 2.98 -8.86
N LEU C 161 -0.98 3.37 -7.94
CA LEU C 161 -1.36 4.32 -6.91
C LEU C 161 -0.79 5.70 -7.20
N GLU C 162 -1.08 6.20 -8.40
CA GLU C 162 -0.80 7.58 -8.75
C GLU C 162 -1.91 8.03 -9.68
N GLY C 163 -2.76 7.08 -10.06
CA GLY C 163 -3.93 7.40 -10.86
C GLY C 163 -4.37 6.28 -11.76
N GLN D 2 -0.54 2.71 -16.47
CA GLN D 2 0.42 2.02 -15.60
C GLN D 2 0.33 0.51 -15.81
N SER D 3 -0.89 -0.01 -15.75
CA SER D 3 -1.15 -1.44 -15.85
C SER D 3 -0.78 -2.05 -17.20
N ARG D 4 -0.66 -1.23 -18.24
CA ARG D 4 -0.21 -1.73 -19.52
C ARG D 4 1.30 -1.89 -19.53
N GLU D 5 1.97 -1.01 -18.80
CA GLU D 5 3.43 -1.02 -18.67
C GLU D 5 3.88 -2.28 -17.93
N ARG D 6 3.32 -2.48 -16.73
CA ARG D 6 3.58 -3.66 -15.91
C ARG D 6 3.34 -4.96 -16.67
N LEU D 7 2.13 -5.10 -17.20
CA LEU D 7 1.72 -6.28 -17.94
C LEU D 7 2.71 -6.61 -19.07
N VAL D 8 3.18 -5.58 -19.77
CA VAL D 8 4.08 -5.82 -20.90
C VAL D 8 5.40 -6.42 -20.41
N LYS D 9 5.93 -5.89 -19.32
CA LYS D 9 7.19 -6.39 -18.79
C LYS D 9 7.07 -7.88 -18.48
N TRP D 10 6.11 -8.25 -17.64
CA TRP D 10 5.92 -9.66 -17.29
C TRP D 10 5.77 -10.55 -18.52
N LEU D 11 5.07 -10.06 -19.54
CA LEU D 11 4.98 -10.77 -20.81
C LEU D 11 6.37 -11.02 -21.38
N GLN D 12 7.19 -9.96 -21.39
CA GLN D 12 8.58 -10.05 -21.80
C GLN D 12 9.35 -11.10 -20.98
N ASP D 13 9.16 -11.10 -19.66
CA ASP D 13 9.76 -12.11 -18.81
C ASP D 13 9.28 -13.49 -19.26
N ALA D 14 7.98 -13.57 -19.53
CA ALA D 14 7.35 -14.82 -19.94
C ALA D 14 7.99 -15.32 -21.22
N TYR D 15 8.05 -14.46 -22.23
CA TYR D 15 8.60 -14.85 -23.52
C TYR D 15 10.03 -15.33 -23.36
N ALA D 16 10.74 -14.75 -22.40
CA ALA D 16 12.10 -15.14 -22.13
C ALA D 16 12.09 -16.55 -21.54
N MSE D 17 11.34 -16.70 -20.45
CA MSE D 17 11.13 -18.00 -19.84
C MSE D 17 10.81 -19.09 -20.86
O MSE D 17 11.42 -20.15 -20.88
CB MSE D 17 10.01 -17.88 -18.85
CG MSE D 17 9.97 -18.98 -17.84
SE MSE D 17 8.91 -18.32 -16.38
CE MSE D 17 10.25 -17.13 -15.57
N GLU D 18 9.84 -18.82 -21.73
CA GLU D 18 9.41 -19.77 -22.74
C GLU D 18 10.57 -20.31 -23.58
N LYS D 19 11.46 -19.41 -24.00
CA LYS D 19 12.58 -19.80 -24.85
C LYS D 19 13.65 -20.53 -24.04
N GLU D 20 13.63 -20.32 -22.74
CA GLU D 20 14.52 -21.02 -21.80
C GLU D 20 14.08 -22.48 -21.65
N ALA D 21 12.77 -22.70 -21.49
CA ALA D 21 12.26 -24.05 -21.28
C ALA D 21 12.36 -24.90 -22.53
N GLU D 22 12.27 -24.28 -23.71
CA GLU D 22 12.37 -25.05 -24.95
C GLU D 22 13.75 -25.68 -25.11
N THR D 23 14.80 -24.87 -25.06
CA THR D 23 16.16 -25.37 -25.15
CA THR D 23 16.15 -25.39 -25.16
C THR D 23 16.47 -26.27 -23.95
N MSE D 24 15.90 -25.92 -22.79
CA MSE D 24 16.09 -26.69 -21.57
C MSE D 24 15.73 -28.13 -21.89
O MSE D 24 16.58 -29.02 -21.90
CB MSE D 24 15.16 -26.16 -20.47
CG MSE D 24 15.73 -26.26 -19.04
SE MSE D 24 14.38 -26.58 -17.63
CE MSE D 24 15.16 -25.54 -16.17
N MSE D 25 14.45 -28.35 -22.17
CA MSE D 25 13.94 -29.68 -22.44
C MSE D 25 14.40 -30.27 -23.78
O MSE D 25 14.32 -31.48 -23.99
CB MSE D 25 12.42 -29.69 -22.38
CG MSE D 25 11.86 -29.49 -20.99
SE MSE D 25 9.92 -29.56 -21.14
CE MSE D 25 9.67 -28.24 -22.57
N ALA D 26 14.83 -29.40 -24.71
CA ALA D 26 15.38 -29.85 -25.98
C ALA D 26 16.60 -30.71 -25.74
N ALA D 27 17.59 -30.13 -25.06
CA ALA D 27 18.79 -30.86 -24.67
C ALA D 27 18.39 -32.11 -23.91
N MSE D 28 17.53 -31.90 -22.91
CA MSE D 28 16.95 -32.97 -22.11
C MSE D 28 16.64 -34.20 -22.96
O MSE D 28 17.25 -35.26 -22.80
CB MSE D 28 15.65 -32.46 -21.47
CG MSE D 28 14.80 -33.51 -20.80
SE MSE D 28 15.29 -33.73 -18.93
CE MSE D 28 16.95 -34.76 -19.16
N ALA D 29 15.69 -34.01 -23.87
CA ALA D 29 15.21 -35.07 -24.75
C ALA D 29 16.29 -35.67 -25.63
N SER D 30 17.24 -34.85 -26.08
CA SER D 30 18.32 -35.32 -26.93
C SER D 30 19.21 -36.32 -26.19
N ARG D 31 19.05 -36.38 -24.87
CA ARG D 31 19.96 -37.16 -24.04
C ARG D 31 19.30 -38.37 -23.38
N ILE D 32 17.98 -38.47 -23.51
CA ILE D 32 17.24 -39.52 -22.82
C ILE D 32 17.44 -40.90 -23.42
N GLU D 33 18.03 -41.77 -22.62
CA GLU D 33 18.38 -43.12 -23.00
C GLU D 33 17.20 -44.06 -22.77
N HIS D 34 16.99 -44.41 -21.51
CA HIS D 34 16.07 -45.49 -21.17
C HIS D 34 14.63 -45.04 -20.91
N TYR D 35 14.26 -43.87 -21.41
CA TYR D 35 12.91 -43.34 -21.15
C TYR D 35 12.26 -42.68 -22.35
N PRO D 36 11.56 -43.50 -23.15
CA PRO D 36 10.91 -43.12 -24.40
C PRO D 36 9.62 -42.32 -24.17
N GLU D 37 8.93 -42.58 -23.08
CA GLU D 37 7.68 -41.90 -22.83
C GLU D 37 7.99 -40.56 -22.20
N LEU D 38 9.03 -40.54 -21.36
CA LEU D 38 9.51 -39.28 -20.82
C LEU D 38 10.09 -38.45 -21.95
N LYS D 39 10.63 -39.12 -22.96
CA LYS D 39 11.24 -38.42 -24.09
C LYS D 39 10.18 -37.92 -25.09
N ARG D 40 9.11 -38.69 -25.26
CA ARG D 40 8.01 -38.26 -26.12
C ARG D 40 7.26 -37.08 -25.49
N ARG D 41 7.04 -37.14 -24.18
CA ARG D 41 6.27 -36.11 -23.48
C ARG D 41 6.99 -34.77 -23.56
N ILE D 42 8.31 -34.84 -23.53
CA ILE D 42 9.11 -33.63 -23.55
C ILE D 42 9.19 -33.00 -24.95
N GLU D 43 9.67 -33.76 -25.93
CA GLU D 43 9.70 -33.28 -27.33
C GLU D 43 8.34 -32.70 -27.74
N GLN D 44 7.28 -33.31 -27.24
CA GLN D 44 5.95 -32.78 -27.39
C GLN D 44 5.90 -31.43 -26.70
N HIS D 45 6.27 -31.41 -25.42
CA HIS D 45 6.21 -30.19 -24.61
C HIS D 45 6.99 -29.04 -25.24
N VAL D 46 8.16 -29.35 -25.79
CA VAL D 46 8.88 -28.36 -26.59
C VAL D 46 7.92 -27.78 -27.62
N GLU D 47 7.36 -28.65 -28.46
CA GLU D 47 6.40 -28.26 -29.48
C GLU D 47 5.29 -27.41 -28.87
N GLU D 48 4.70 -27.91 -27.79
CA GLU D 48 3.69 -27.16 -27.07
C GLU D 48 4.25 -25.82 -26.58
N THR D 49 5.51 -25.81 -26.17
CA THR D 49 6.14 -24.61 -25.62
C THR D 49 6.54 -23.61 -26.70
N GLN D 50 6.42 -24.02 -27.97
CA GLN D 50 6.72 -23.12 -29.08
C GLN D 50 5.53 -22.28 -29.54
N GLN D 51 4.34 -22.87 -29.56
CA GLN D 51 3.12 -22.10 -29.86
C GLN D 51 2.88 -21.09 -28.74
N GLN D 52 3.19 -21.49 -27.52
CA GLN D 52 3.01 -20.63 -26.34
C GLN D 52 3.75 -19.31 -26.45
N SER D 53 5.01 -19.36 -26.89
CA SER D 53 5.80 -18.16 -27.03
C SER D 53 5.34 -17.35 -28.25
N ALA D 54 4.58 -17.99 -29.14
CA ALA D 54 3.98 -17.29 -30.27
C ALA D 54 2.75 -16.54 -29.81
N GLY D 55 2.09 -17.05 -28.78
CA GLY D 55 0.94 -16.37 -28.21
C GLY D 55 1.38 -15.17 -27.39
N VAL D 56 2.39 -15.37 -26.56
CA VAL D 56 2.99 -14.32 -25.76
C VAL D 56 3.61 -13.30 -26.71
N GLN D 57 3.99 -13.77 -27.89
CA GLN D 57 4.54 -12.92 -28.93
C GLN D 57 3.46 -12.07 -29.57
N ARG D 58 2.21 -12.52 -29.45
CA ARG D 58 1.09 -11.80 -30.03
C ARG D 58 0.39 -10.87 -29.00
N CYS D 59 0.61 -11.14 -27.72
CA CYS D 59 0.17 -10.23 -26.68
C CYS D 59 1.04 -8.98 -26.72
N LEU D 60 2.36 -9.20 -26.70
CA LEU D 60 3.32 -8.11 -26.80
C LEU D 60 2.99 -7.24 -28.02
N GLU D 61 2.62 -7.90 -29.12
CA GLU D 61 2.11 -7.22 -30.32
C GLU D 61 1.01 -6.21 -29.98
N LEU D 62 -0.06 -6.70 -29.37
CA LEU D 62 -1.24 -5.90 -29.07
C LEU D 62 -0.93 -4.67 -28.22
N LEU D 63 -0.05 -4.85 -27.22
CA LEU D 63 0.24 -3.79 -26.26
C LEU D 63 1.42 -2.90 -26.67
N ASN D 64 1.94 -3.15 -27.87
CA ASN D 64 3.04 -2.34 -28.41
C ASN D 64 4.31 -2.48 -27.58
N GLY D 65 4.47 -3.63 -26.95
CA GLY D 65 5.69 -3.93 -26.21
C GLY D 65 6.68 -4.61 -27.13
N SER D 66 7.94 -4.63 -26.72
CA SER D 66 8.99 -5.21 -27.56
C SER D 66 9.20 -6.69 -27.28
N ILE D 67 10.03 -7.32 -28.09
CA ILE D 67 10.38 -8.72 -27.93
C ILE D 67 11.74 -8.81 -27.26
N PRO D 68 11.89 -9.75 -26.31
CA PRO D 68 13.12 -9.93 -25.52
C PRO D 68 14.38 -10.36 -26.32
N THR D 69 15.54 -9.81 -25.92
CA THR D 69 16.82 -10.11 -26.54
C THR D 69 17.34 -11.47 -26.12
N ALA D 70 17.45 -12.39 -27.08
CA ALA D 70 17.84 -13.78 -26.84
C ALA D 70 19.10 -13.90 -25.97
N LYS D 71 18.95 -14.60 -24.84
CA LYS D 71 20.08 -14.85 -23.93
C LYS D 71 20.49 -16.31 -23.98
N GLY D 72 21.09 -16.73 -25.09
CA GLY D 72 21.48 -18.12 -25.27
C GLY D 72 22.01 -18.77 -24.01
N MSE D 73 23.22 -18.38 -23.63
CA MSE D 73 23.90 -18.99 -22.48
C MSE D 73 22.91 -19.50 -21.45
O MSE D 73 22.79 -20.70 -21.24
CB MSE D 73 24.84 -17.99 -21.80
CG MSE D 73 25.53 -18.60 -20.57
SE MSE D 73 25.67 -17.45 -18.99
CE MSE D 73 26.45 -18.74 -17.76
N LEU D 74 22.21 -18.56 -20.82
CA LEU D 74 21.37 -18.85 -19.67
C LEU D 74 21.10 -20.33 -19.46
N SER D 75 20.57 -21.00 -20.48
CA SER D 75 20.39 -22.44 -20.40
C SER D 75 21.48 -23.19 -21.14
N SER D 76 21.63 -22.88 -22.42
CA SER D 76 22.50 -23.65 -23.31
C SER D 76 23.85 -24.01 -22.69
N VAL D 77 24.41 -23.07 -21.94
CA VAL D 77 25.68 -23.29 -21.28
C VAL D 77 25.44 -23.87 -19.90
N LEU D 78 24.37 -23.41 -19.27
CA LEU D 78 23.94 -23.91 -17.97
C LEU D 78 23.70 -25.41 -18.04
N ALA D 79 23.37 -25.89 -19.23
CA ALA D 79 23.08 -27.31 -19.43
C ALA D 79 24.35 -28.13 -19.25
N SER D 80 25.48 -27.55 -19.65
CA SER D 80 26.76 -28.25 -19.57
C SER D 80 27.67 -27.63 -18.52
N MSE D 89 27.36 -44.81 -13.67
CA MSE D 89 26.09 -44.17 -14.02
C MSE D 89 26.11 -42.70 -13.59
O MSE D 89 27.05 -42.26 -12.93
CB MSE D 89 24.94 -44.92 -13.36
CG MSE D 89 23.66 -44.96 -14.20
SE MSE D 89 22.68 -46.64 -13.91
CE MSE D 89 20.88 -46.00 -14.31
N THR D 90 25.08 -41.95 -13.98
CA THR D 90 25.10 -40.49 -13.83
C THR D 90 23.79 -39.86 -13.33
N ASP D 91 23.89 -38.58 -12.96
CA ASP D 91 22.78 -37.78 -12.43
C ASP D 91 21.79 -37.31 -13.50
N GLU D 92 22.35 -36.75 -14.57
CA GLU D 92 21.61 -36.07 -15.64
C GLU D 92 20.10 -36.37 -15.79
N VAL D 93 19.74 -37.65 -15.92
CA VAL D 93 18.35 -38.03 -16.18
C VAL D 93 17.38 -37.78 -15.00
N THR D 94 17.60 -38.41 -13.84
CA THR D 94 16.74 -38.20 -12.67
C THR D 94 16.77 -36.76 -12.14
N LYS D 95 17.97 -36.23 -11.96
CA LYS D 95 18.12 -34.86 -11.50
C LYS D 95 17.41 -33.91 -12.47
N GLY D 96 17.48 -34.23 -13.76
CA GLY D 96 16.88 -33.40 -14.79
C GLY D 96 15.37 -33.35 -14.71
N VAL D 97 14.77 -34.40 -14.19
CA VAL D 97 13.32 -34.41 -14.02
C VAL D 97 12.89 -33.41 -12.94
N GLY D 98 13.52 -33.48 -11.78
CA GLY D 98 13.23 -32.55 -10.72
C GLY D 98 13.47 -31.13 -11.19
N ILE D 99 14.60 -30.93 -11.86
CA ILE D 99 14.93 -29.62 -12.42
C ILE D 99 13.78 -29.10 -13.27
N SER D 100 13.38 -29.90 -14.26
CA SER D 100 12.30 -29.52 -15.16
C SER D 100 11.02 -29.33 -14.38
N TYR D 101 10.79 -30.21 -13.42
CA TYR D 101 9.58 -30.19 -12.63
C TYR D 101 9.41 -28.87 -11.88
N ALA D 102 10.45 -28.45 -11.16
CA ALA D 102 10.44 -27.17 -10.44
C ALA D 102 10.19 -26.05 -11.43
N PHE D 103 10.92 -26.06 -12.54
CA PHE D 103 10.82 -25.03 -13.57
C PHE D 103 9.41 -24.89 -14.09
N GLU D 104 8.69 -26.02 -14.16
CA GLU D 104 7.28 -26.00 -14.49
C GLU D 104 6.56 -25.16 -13.44
N HIS D 105 6.94 -25.34 -12.18
CA HIS D 105 6.28 -24.63 -11.11
C HIS D 105 6.61 -23.14 -11.07
N LEU D 106 7.81 -22.76 -11.50
CA LEU D 106 8.12 -21.34 -11.72
C LEU D 106 7.24 -20.75 -12.82
N GLU D 107 6.96 -21.52 -13.85
CA GLU D 107 6.06 -21.06 -14.90
C GLU D 107 4.61 -20.96 -14.37
N ILE D 108 4.20 -21.95 -13.58
CA ILE D 108 2.87 -21.95 -12.96
C ILE D 108 2.67 -20.70 -12.15
N ALA D 109 3.64 -20.38 -11.29
CA ALA D 109 3.57 -19.16 -10.50
C ALA D 109 3.66 -17.92 -11.40
N SER D 110 4.47 -17.99 -12.45
CA SER D 110 4.64 -16.85 -13.33
C SER D 110 3.38 -16.50 -14.10
N TYR D 111 2.76 -17.50 -14.72
CA TYR D 111 1.53 -17.23 -15.43
C TYR D 111 0.41 -16.85 -14.47
N ARG D 112 0.56 -17.27 -13.21
CA ARG D 112 -0.38 -16.87 -12.15
C ARG D 112 -0.20 -15.39 -11.78
N ALA D 113 1.04 -14.89 -11.80
CA ALA D 113 1.28 -13.46 -11.65
C ALA D 113 0.70 -12.74 -12.87
N LEU D 114 1.03 -13.22 -14.07
CA LEU D 114 0.57 -12.60 -15.31
C LEU D 114 -0.95 -12.49 -15.47
N VAL D 115 -1.68 -13.53 -15.10
CA VAL D 115 -3.12 -13.49 -15.26
C VAL D 115 -3.77 -12.35 -14.47
N VAL D 116 -3.46 -12.24 -13.18
CA VAL D 116 -3.96 -11.13 -12.37
C VAL D 116 -3.63 -9.79 -13.03
N ALA D 117 -2.36 -9.64 -13.41
CA ALA D 117 -1.86 -8.42 -14.06
C ALA D 117 -2.65 -8.08 -15.33
N ALA D 118 -2.95 -9.11 -16.12
CA ALA D 118 -3.68 -8.93 -17.37
C ALA D 118 -5.09 -8.44 -17.07
N ARG D 119 -5.71 -9.00 -16.04
CA ARG D 119 -7.02 -8.55 -15.62
C ARG D 119 -6.91 -7.20 -14.91
N SER D 120 -5.74 -6.93 -14.33
CA SER D 120 -5.42 -5.64 -13.70
C SER D 120 -5.35 -4.51 -14.73
N ALA D 121 -5.50 -4.89 -16.00
CA ALA D 121 -5.57 -3.94 -17.10
C ALA D 121 -6.82 -4.20 -17.91
N GLY D 122 -7.76 -4.98 -17.35
CA GLY D 122 -9.00 -5.30 -18.02
C GLY D 122 -8.77 -5.92 -19.39
N GLU D 123 -7.57 -6.46 -19.59
CA GLU D 123 -7.20 -7.09 -20.84
C GLU D 123 -7.47 -8.58 -20.73
N GLN D 124 -8.73 -8.95 -20.84
CA GLN D 124 -9.12 -10.35 -20.58
C GLN D 124 -8.60 -11.34 -21.64
N GLU D 125 -8.56 -10.91 -22.90
CA GLU D 125 -8.07 -11.77 -23.99
C GLU D 125 -6.62 -12.19 -23.74
N VAL D 126 -5.81 -11.24 -23.28
CA VAL D 126 -4.42 -11.51 -22.92
C VAL D 126 -4.39 -12.38 -21.65
N ALA D 127 -5.27 -12.10 -20.72
CA ALA D 127 -5.38 -12.91 -19.51
C ALA D 127 -5.68 -14.33 -19.90
N GLN D 128 -6.66 -14.50 -20.78
CA GLN D 128 -7.06 -15.83 -21.22
C GLN D 128 -5.91 -16.53 -21.95
N ILE D 129 -5.04 -15.75 -22.59
CA ILE D 129 -3.85 -16.33 -23.21
C ILE D 129 -3.01 -16.98 -22.12
N CYS D 130 -2.75 -16.22 -21.06
CA CYS D 130 -1.84 -16.68 -20.01
C CYS D 130 -2.47 -17.82 -19.22
N GLU D 131 -3.78 -17.93 -19.32
CA GLU D 131 -4.55 -18.91 -18.59
C GLU D 131 -4.28 -20.30 -19.12
N ASP D 132 -4.52 -20.46 -20.42
CA ASP D 132 -4.47 -21.76 -21.07
C ASP D 132 -3.09 -22.34 -20.91
N ILE D 133 -2.10 -21.45 -20.86
CA ILE D 133 -0.69 -21.84 -20.73
C ILE D 133 -0.40 -22.36 -19.32
N LEU D 134 -0.79 -21.57 -18.33
CA LEU D 134 -0.83 -22.04 -16.94
C LEU D 134 -1.34 -23.48 -16.91
N GLN D 135 -2.51 -23.69 -17.51
CA GLN D 135 -3.12 -25.01 -17.66
C GLN D 135 -2.20 -26.03 -18.33
N GLN D 136 -1.58 -25.63 -19.43
CA GLN D 136 -0.70 -26.53 -20.15
C GLN D 136 0.56 -26.81 -19.34
N GLU D 137 1.03 -25.82 -18.58
CA GLU D 137 2.21 -26.01 -17.74
C GLU D 137 1.87 -26.89 -16.55
N ILE D 138 0.75 -26.59 -15.90
CA ILE D 138 0.24 -27.44 -14.82
C ILE D 138 0.23 -28.92 -15.21
N GLU D 139 -0.29 -29.16 -16.41
CA GLU D 139 -0.34 -30.49 -17.02
C GLU D 139 1.03 -31.19 -17.06
N MSE D 140 2.07 -30.41 -17.39
CA MSE D 140 3.42 -30.98 -17.50
C MSE D 140 3.99 -31.32 -16.13
O MSE D 140 4.46 -32.44 -15.91
CB MSE D 140 4.36 -30.00 -18.22
CG MSE D 140 5.75 -30.56 -18.52
SE MSE D 140 5.75 -32.14 -19.71
CE MSE D 140 7.63 -32.20 -20.22
N ALA D 141 3.93 -30.35 -15.23
CA ALA D 141 4.40 -30.53 -13.86
C ALA D 141 3.82 -31.80 -13.31
N GLU D 142 2.55 -32.02 -13.61
CA GLU D 142 1.86 -33.18 -13.10
C GLU D 142 2.33 -34.46 -13.79
N TRP D 143 2.29 -34.48 -15.11
CA TRP D 143 2.81 -35.64 -15.82
C TRP D 143 4.20 -35.97 -15.29
N LEU D 144 5.04 -34.95 -15.17
CA LEU D 144 6.40 -35.15 -14.66
C LEU D 144 6.39 -35.81 -13.29
N ILE D 145 5.68 -35.21 -12.34
CA ILE D 145 5.70 -35.72 -10.98
C ILE D 145 5.15 -37.15 -10.91
N GLU D 146 4.10 -37.41 -11.68
CA GLU D 146 3.45 -38.71 -11.63
C GLU D 146 4.27 -39.84 -12.23
N HIS D 147 5.50 -39.55 -12.64
CA HIS D 147 6.37 -40.55 -13.24
C HIS D 147 7.68 -40.65 -12.49
N GLN D 148 8.02 -39.57 -11.80
CA GLN D 148 9.34 -39.47 -11.17
C GLN D 148 9.73 -40.79 -10.51
N GLU D 149 8.82 -41.35 -9.73
CA GLU D 149 9.13 -42.57 -8.98
C GLU D 149 9.54 -43.72 -9.90
N ALA D 150 8.69 -44.03 -10.87
CA ALA D 150 8.98 -45.17 -11.76
C ALA D 150 10.33 -44.99 -12.40
N ILE D 151 10.69 -43.75 -12.67
CA ILE D 151 11.96 -43.42 -13.30
C ILE D 151 13.10 -43.54 -12.29
N VAL D 152 12.90 -42.97 -11.10
CA VAL D 152 13.86 -43.04 -10.03
C VAL D 152 14.21 -44.49 -9.64
N VAL D 153 13.19 -45.32 -9.50
CA VAL D 153 13.39 -46.74 -9.24
C VAL D 153 14.21 -47.38 -10.37
N ALA D 154 13.67 -47.33 -11.59
CA ALA D 154 14.38 -47.91 -12.74
C ALA D 154 15.82 -47.43 -12.78
N PHE D 155 16.05 -46.22 -12.29
CA PHE D 155 17.37 -45.63 -12.30
C PHE D 155 18.28 -46.34 -11.30
N LEU D 156 17.81 -46.45 -10.06
CA LEU D 156 18.59 -47.07 -9.00
C LEU D 156 18.86 -48.55 -9.28
N GLU D 157 17.96 -49.19 -10.03
CA GLU D 157 18.08 -50.63 -10.36
C GLU D 157 19.12 -50.90 -11.42
N ARG D 158 19.21 -50.03 -12.41
CA ARG D 158 20.20 -50.17 -13.48
C ARG D 158 21.60 -49.99 -12.89
N GLU D 159 21.75 -48.99 -12.03
CA GLU D 159 22.95 -48.82 -11.22
C GLU D 159 23.18 -50.08 -10.39
N GLN D 160 22.07 -50.70 -10.00
CA GLN D 160 22.08 -51.83 -9.08
C GLN D 160 22.32 -53.17 -9.78
N LEU D 161 22.76 -53.14 -11.04
CA LEU D 161 22.95 -54.36 -11.78
C LEU D 161 24.40 -54.82 -11.84
NA NA E . -10.79 32.17 20.64
C1 EDO F . 1.96 18.61 23.96
O1 EDO F . 3.07 18.26 24.80
C2 EDO F . 2.40 19.57 22.87
O2 EDO F . 3.25 18.88 21.95
C1 EDO G . -6.15 12.95 12.00
O1 EDO G . -5.74 11.92 12.91
C2 EDO G . -6.23 14.26 12.78
O2 EDO G . -6.82 15.27 11.96
C1 EDO H . -0.95 29.27 10.69
O1 EDO H . -1.94 28.24 10.79
C2 EDO H . -0.79 29.98 12.03
O2 EDO H . -1.62 31.13 12.11
C1 EDO I . 2.87 -5.46 18.53
O1 EDO I . 1.76 -5.75 17.67
C2 EDO I . 3.89 -4.61 17.78
O2 EDO I . 4.98 -4.31 18.66
NA NA J . -11.19 19.01 -1.14
C1 EDO K . -13.91 37.12 -6.02
O1 EDO K . -13.19 35.89 -6.07
C2 EDO K . -14.10 37.60 -7.45
O2 EDO K . -14.91 36.66 -8.16
C1 EDO L . -14.18 47.28 -4.98
O1 EDO L . -15.42 47.04 -4.31
C2 EDO L . -13.75 48.74 -4.81
O2 EDO L . -14.23 49.22 -3.54
C1 EDO M . -9.77 9.23 -15.45
O1 EDO M . -11.16 9.51 -15.69
C2 EDO M . -9.30 10.18 -14.35
O2 EDO M . -10.02 11.41 -14.48
C1 EDO N . -20.62 29.52 -13.36
O1 EDO N . -19.45 29.02 -14.00
C2 EDO N . -21.36 30.51 -14.24
O2 EDO N . -21.87 31.53 -13.40
C1 EDO O . -5.07 12.15 -5.54
O1 EDO O . -5.12 11.08 -6.50
C2 EDO O . -4.01 13.19 -5.96
O2 EDO O . -3.86 14.19 -4.95
C1 EDO P . -23.56 37.71 -2.86
O1 EDO P . -22.76 38.37 -1.88
C2 EDO P . -22.98 36.35 -3.21
O2 EDO P . -23.16 36.14 -4.61
C1 EDO Q . -26.93 56.14 3.00
O1 EDO Q . -28.03 55.39 3.52
C2 EDO Q . -26.44 55.49 1.70
O2 EDO Q . -25.16 56.04 1.37
C1 EDO R . -7.31 1.63 15.35
O1 EDO R . -8.20 1.80 14.24
C2 EDO R . -8.11 1.60 16.65
O2 EDO R . -7.21 1.58 17.77
NA NA S . 14.25 -27.96 2.79
C1 EDO T . 6.18 -5.86 6.93
O1 EDO T . 7.44 -6.26 6.39
C2 EDO T . 6.30 -4.51 7.66
O2 EDO T . 5.01 -4.03 8.09
C1 EDO U . -5.76 3.92 -13.87
O1 EDO U . -5.06 2.70 -13.59
C2 EDO U . -5.04 4.68 -14.99
O2 EDO U . -5.62 5.98 -15.15
C1 EDO V . 14.14 -23.14 -8.92
O1 EDO V . 15.23 -23.11 -8.00
C2 EDO V . 14.70 -23.19 -10.33
O2 EDO V . 13.60 -23.12 -11.23
NA NA W . 5.36 -22.69 -21.04
C1 EDO X . -0.04 -2.66 -31.36
O1 EDO X . -1.43 -2.81 -31.62
C2 EDO X . 0.78 -2.76 -32.64
O2 EDO X . 0.80 -4.12 -33.12
C1 EDO Y . 8.49 -43.51 -17.18
O1 EDO Y . 9.42 -44.61 -17.20
C2 EDO Y . 8.57 -42.73 -18.49
O2 EDO Y . 9.82 -42.04 -18.59
#